data_3OY2
#
_entry.id   3OY2
#
_cell.length_a   153.615
_cell.length_b   246.941
_cell.length_c   67.170
_cell.angle_alpha   90.00
_cell.angle_beta   90.00
_cell.angle_gamma   90.00
#
_symmetry.space_group_name_H-M   'C 2 2 21'
#
loop_
_entity.id
_entity.type
_entity.pdbx_description
1 polymer 'Glycosyltransferase B736L'
2 water water
#
_entity_poly.entity_id   1
_entity_poly.type   'polypeptide(L)'
_entity_poly.pdbx_seq_one_letter_code
;MKLIIVGAHSSVPSGYGRVMRAIVPRISKAHEVIVFGIHAFGRSVHANIEEFDAQTAEHVRGLNEQGFYYSGLSEFIDVH
KPDIVMIYNDPIVIGNYLLAMGKCSHRTKIVLYVDLVSKNIRENLWWIFSHPKVVGVMAMSKCWISDICNYGCKVPINIV
SHFVDTKTIYDARKLVGLSEYNDDVLFLNMNRNTARKRLDIYVLAAARFISKYPDAKVRFLCNSHHESKFDLHSIALREL
VASGVDNVFTHLNKIMINRTVLTDERVDMMYNACDVIVNCSSGEGFGLCSAEGAVLGKPLIISAVGGADDYFSGDCVYKI
KPSAWISVDDRDGIGGIEGIIDVDDLVEAFTFFKDEKNRKEYGKRVQDFVKTKPTWDDISSDIIDFFNSLLRVESRETPG
NEEHPLEHHHHHH
;
_entity_poly.pdbx_strand_id   A,B
#
# COMPACT_ATOMS: atom_id res chain seq x y z
N MET A 1 -28.95 1.08 -37.14
CA MET A 1 -27.52 1.28 -37.40
C MET A 1 -26.72 0.00 -37.16
N LYS A 2 -25.43 0.08 -37.52
CA LYS A 2 -24.52 -1.04 -37.43
C LYS A 2 -23.51 -0.72 -36.33
N LEU A 3 -23.50 -1.54 -35.31
CA LEU A 3 -22.70 -1.26 -34.13
C LEU A 3 -21.71 -2.40 -33.88
N ILE A 4 -20.43 -2.07 -33.75
CA ILE A 4 -19.47 -3.06 -33.34
C ILE A 4 -19.11 -2.80 -31.87
N ILE A 5 -19.17 -3.84 -31.05
CA ILE A 5 -18.72 -3.71 -29.66
C ILE A 5 -17.47 -4.55 -29.45
N VAL A 6 -16.41 -3.89 -29.03
CA VAL A 6 -15.20 -4.55 -28.67
C VAL A 6 -15.27 -4.76 -27.16
N GLY A 7 -15.54 -5.99 -26.76
CA GLY A 7 -15.58 -6.33 -25.36
C GLY A 7 -15.56 -7.82 -25.13
N ALA A 8 -15.84 -8.19 -23.88
CA ALA A 8 -15.75 -9.57 -23.43
C ALA A 8 -16.67 -10.51 -24.18
N HIS A 9 -16.11 -11.62 -24.65
CA HIS A 9 -16.87 -12.73 -25.24
C HIS A 9 -17.91 -13.31 -24.24
N SER A 10 -19.04 -13.80 -24.74
CA SER A 10 -20.14 -14.26 -23.91
C SER A 10 -19.76 -15.41 -23.02
N SER A 11 -18.70 -16.13 -23.39
CA SER A 11 -18.31 -17.32 -22.65
C SER A 11 -17.49 -16.92 -21.43
N VAL A 12 -17.07 -15.66 -21.36
CA VAL A 12 -16.22 -15.15 -20.27
C VAL A 12 -16.91 -14.96 -18.89
N PRO A 13 -16.50 -15.75 -17.87
CA PRO A 13 -17.12 -15.60 -16.55
C PRO A 13 -16.54 -14.42 -15.73
N SER A 14 -16.59 -13.22 -16.29
CA SER A 14 -16.10 -12.07 -15.56
C SER A 14 -17.19 -10.99 -15.49
N GLY A 15 -16.92 -9.94 -14.74
CA GLY A 15 -17.77 -8.78 -14.75
C GLY A 15 -18.05 -8.27 -16.15
N TYR A 16 -17.02 -8.05 -16.97
CA TYR A 16 -17.23 -7.59 -18.35
C TYR A 16 -18.14 -8.52 -19.15
N GLY A 17 -17.95 -9.84 -18.98
CA GLY A 17 -18.75 -10.80 -19.70
C GLY A 17 -20.19 -10.66 -19.28
N ARG A 18 -20.41 -10.49 -17.98
CA ARG A 18 -21.76 -10.45 -17.46
C ARG A 18 -22.54 -9.24 -18.04
N VAL A 19 -21.86 -8.09 -18.18
CA VAL A 19 -22.52 -6.95 -18.80
C VAL A 19 -22.67 -7.07 -20.28
N MET A 20 -21.70 -7.71 -20.94
CA MET A 20 -21.88 -8.03 -22.36
C MET A 20 -23.08 -8.95 -22.61
N ARG A 21 -23.21 -10.01 -21.82
CA ARG A 21 -24.35 -10.93 -21.97
C ARG A 21 -25.69 -10.25 -21.74
N ALA A 22 -25.71 -9.16 -20.98
CA ALA A 22 -26.97 -8.45 -20.69
C ALA A 22 -27.38 -7.45 -21.78
N ILE A 23 -26.37 -6.72 -22.28
CA ILE A 23 -26.55 -5.54 -23.12
C ILE A 23 -26.65 -5.87 -24.63
N VAL A 24 -25.89 -6.89 -25.05
CA VAL A 24 -25.84 -7.28 -26.46
C VAL A 24 -27.23 -7.66 -27.02
N PRO A 25 -27.93 -8.64 -26.39
CA PRO A 25 -29.18 -9.04 -27.02
C PRO A 25 -30.27 -7.99 -26.85
N ARG A 26 -30.11 -7.12 -25.85
CA ARG A 26 -31.02 -6.01 -25.66
C ARG A 26 -30.85 -4.90 -26.71
N ILE A 27 -29.61 -4.64 -27.13
CA ILE A 27 -29.41 -3.64 -28.19
C ILE A 27 -29.73 -4.26 -29.57
N SER A 28 -29.57 -5.57 -29.69
CA SER A 28 -29.80 -6.34 -30.93
C SER A 28 -31.18 -6.19 -31.54
N LYS A 29 -32.17 -5.89 -30.70
CA LYS A 29 -33.53 -5.71 -31.20
C LYS A 29 -33.80 -4.27 -31.66
N ALA A 30 -32.91 -3.35 -31.31
CA ALA A 30 -32.96 -2.02 -31.89
C ALA A 30 -32.08 -1.96 -33.16
N HIS A 31 -30.87 -2.50 -33.06
CA HIS A 31 -29.88 -2.30 -34.12
C HIS A 31 -29.15 -3.56 -34.50
N GLU A 32 -28.34 -3.50 -35.55
CA GLU A 32 -27.52 -4.63 -35.87
C GLU A 32 -26.29 -4.53 -34.94
N VAL A 33 -26.13 -5.48 -34.02
CA VAL A 33 -24.91 -5.47 -33.21
C VAL A 33 -23.99 -6.64 -33.49
N ILE A 34 -22.73 -6.31 -33.73
CA ILE A 34 -21.76 -7.32 -33.99
C ILE A 34 -20.64 -7.22 -32.95
N VAL A 35 -20.26 -8.35 -32.36
CA VAL A 35 -19.34 -8.35 -31.23
C VAL A 35 -17.97 -8.87 -31.60
N PHE A 36 -16.94 -8.07 -31.37
CA PHE A 36 -15.57 -8.52 -31.50
C PHE A 36 -15.24 -9.05 -30.11
N GLY A 37 -15.56 -10.31 -29.87
CA GLY A 37 -15.50 -10.84 -28.51
C GLY A 37 -14.13 -11.35 -28.06
N ILE A 38 -13.62 -10.81 -26.97
CA ILE A 38 -12.26 -11.10 -26.58
C ILE A 38 -12.16 -12.12 -25.45
N HIS A 39 -11.03 -12.82 -25.38
CA HIS A 39 -10.72 -13.75 -24.29
C HIS A 39 -11.64 -14.93 -24.12
N ALA A 40 -12.27 -15.43 -25.18
CA ALA A 40 -13.18 -16.58 -25.07
C ALA A 40 -12.65 -17.76 -24.20
N PHE A 41 -13.51 -18.25 -23.31
CA PHE A 41 -13.32 -19.50 -22.53
C PHE A 41 -13.97 -20.73 -23.12
N GLY A 42 -14.74 -20.57 -24.20
CA GLY A 42 -15.68 -21.59 -24.67
C GLY A 42 -16.65 -21.07 -25.72
N ARG A 43 -17.75 -21.79 -25.87
CA ARG A 43 -18.76 -21.51 -26.89
C ARG A 43 -19.46 -20.16 -26.71
N SER A 44 -19.78 -19.52 -27.83
CA SER A 44 -20.67 -18.36 -27.78
C SER A 44 -22.07 -18.74 -27.29
N VAL A 45 -22.71 -17.78 -26.64
CA VAL A 45 -23.96 -17.97 -25.93
C VAL A 45 -25.20 -17.54 -26.74
N HIS A 46 -25.01 -16.78 -27.81
CA HIS A 46 -26.14 -16.31 -28.60
C HIS A 46 -26.32 -17.15 -29.84
N ALA A 47 -27.57 -17.45 -30.17
CA ALA A 47 -27.87 -18.19 -31.37
C ALA A 47 -27.81 -17.33 -32.65
N ASN A 48 -28.15 -16.03 -32.55
CA ASN A 48 -28.42 -15.21 -33.77
C ASN A 48 -27.82 -13.81 -33.80
N ILE A 49 -26.93 -13.50 -32.87
CA ILE A 49 -26.15 -12.30 -33.02
C ILE A 49 -24.73 -12.71 -33.46
N GLU A 50 -24.14 -11.94 -34.36
CA GLU A 50 -22.82 -12.28 -34.87
C GLU A 50 -21.77 -11.94 -33.79
N GLU A 51 -21.16 -12.98 -33.22
CA GLU A 51 -20.09 -12.82 -32.22
C GLU A 51 -18.81 -13.46 -32.71
N PHE A 52 -17.84 -12.62 -33.04
CA PHE A 52 -16.58 -13.07 -33.54
C PHE A 52 -15.69 -13.51 -32.37
N ASP A 53 -15.16 -14.71 -32.40
CA ASP A 53 -14.24 -14.98 -31.32
C ASP A 53 -12.75 -14.71 -31.58
N ALA A 54 -12.35 -13.56 -31.04
CA ALA A 54 -11.10 -12.91 -31.33
C ALA A 54 -9.91 -13.70 -30.84
N GLN A 55 -10.03 -14.32 -29.68
CA GLN A 55 -8.91 -15.10 -29.15
C GLN A 55 -8.56 -16.28 -30.06
N THR A 56 -9.54 -17.09 -30.42
CA THR A 56 -9.18 -18.22 -31.23
C THR A 56 -8.71 -17.81 -32.63
N ALA A 57 -9.25 -16.69 -33.12
CA ALA A 57 -8.79 -16.11 -34.40
C ALA A 57 -7.33 -15.69 -34.28
N GLU A 58 -6.98 -15.10 -33.15
CA GLU A 58 -5.57 -14.80 -32.86
C GLU A 58 -4.66 -16.05 -32.80
N HIS A 59 -5.16 -17.18 -32.25
CA HIS A 59 -4.39 -18.43 -32.20
C HIS A 59 -4.19 -19.02 -33.58
N VAL A 60 -5.24 -18.98 -34.40
CA VAL A 60 -5.24 -19.43 -35.76
C VAL A 60 -4.15 -18.69 -36.56
N ARG A 61 -3.95 -17.42 -36.27
CA ARG A 61 -2.91 -16.63 -36.88
C ARG A 61 -1.54 -16.84 -36.24
N GLY A 62 -1.46 -17.62 -35.15
CA GLY A 62 -0.18 -17.86 -34.46
C GLY A 62 0.34 -16.67 -33.64
N LEU A 63 -0.55 -15.75 -33.28
CA LEU A 63 -0.15 -14.57 -32.53
C LEU A 63 -0.41 -14.81 -31.05
N ASN A 64 0.26 -14.06 -30.19
CA ASN A 64 -0.23 -14.04 -28.82
C ASN A 64 -0.28 -12.65 -28.25
N GLU A 65 -1.51 -12.20 -28.11
CA GLU A 65 -1.85 -10.86 -27.73
C GLU A 65 -2.85 -11.00 -26.61
N GLN A 66 -2.66 -12.04 -25.79
CA GLN A 66 -3.40 -12.23 -24.56
C GLN A 66 -4.92 -12.32 -24.85
N GLY A 67 -5.30 -12.74 -26.06
CA GLY A 67 -6.71 -12.83 -26.36
C GLY A 67 -7.41 -11.53 -26.76
N PHE A 68 -6.70 -10.42 -26.86
CA PHE A 68 -7.28 -9.16 -27.33
C PHE A 68 -7.38 -9.07 -28.84
N TYR A 69 -6.48 -9.77 -29.55
CA TYR A 69 -6.42 -9.73 -31.00
C TYR A 69 -6.37 -8.30 -31.55
N TYR A 70 -5.53 -7.47 -30.96
CA TYR A 70 -5.24 -6.11 -31.47
C TYR A 70 -4.92 -6.09 -32.97
N SER A 71 -4.19 -7.09 -33.48
CA SER A 71 -3.87 -7.12 -34.92
C SER A 71 -5.06 -7.44 -35.85
N GLY A 72 -6.20 -7.89 -35.33
CA GLY A 72 -7.33 -8.27 -36.18
C GLY A 72 -8.39 -7.18 -36.28
N LEU A 73 -8.36 -6.22 -35.37
CA LEU A 73 -9.45 -5.24 -35.29
C LEU A 73 -9.57 -4.32 -36.52
N SER A 74 -8.49 -3.74 -36.96
CA SER A 74 -8.55 -2.78 -38.05
C SER A 74 -9.25 -3.37 -39.29
N GLU A 75 -8.83 -4.57 -39.66
CA GLU A 75 -9.41 -5.29 -40.80
C GLU A 75 -10.89 -5.62 -40.49
N PHE A 76 -11.19 -6.03 -39.26
CA PHE A 76 -12.57 -6.34 -38.88
C PHE A 76 -13.52 -5.14 -39.07
N ILE A 77 -13.04 -3.96 -38.70
CA ILE A 77 -13.80 -2.75 -38.92
C ILE A 77 -13.88 -2.38 -40.37
N ASP A 78 -12.77 -2.49 -41.11
CA ASP A 78 -12.69 -2.09 -42.52
C ASP A 78 -13.70 -2.83 -43.35
N VAL A 79 -13.99 -4.05 -42.93
CA VAL A 79 -14.88 -4.94 -43.68
C VAL A 79 -16.33 -4.65 -43.31
N HIS A 80 -16.61 -4.69 -42.02
CA HIS A 80 -17.97 -4.51 -41.55
C HIS A 80 -18.52 -3.12 -41.77
N LYS A 81 -17.64 -2.12 -41.82
CA LYS A 81 -18.04 -0.71 -41.96
C LYS A 81 -19.17 -0.25 -40.99
N PRO A 82 -18.92 -0.32 -39.67
CA PRO A 82 -19.96 0.09 -38.71
C PRO A 82 -20.18 1.59 -38.67
N ASP A 83 -21.35 1.99 -38.20
CA ASP A 83 -21.66 3.39 -37.90
C ASP A 83 -20.97 3.78 -36.58
N ILE A 84 -20.93 2.88 -35.62
CA ILE A 84 -20.29 3.16 -34.34
C ILE A 84 -19.49 1.97 -33.86
N VAL A 85 -18.35 2.27 -33.23
CA VAL A 85 -17.58 1.29 -32.54
C VAL A 85 -17.45 1.65 -31.05
N MET A 86 -17.92 0.75 -30.21
CA MET A 86 -17.88 0.95 -28.81
C MET A 86 -16.78 0.07 -28.25
N ILE A 87 -15.84 0.71 -27.58
CA ILE A 87 -14.77 -0.01 -26.92
C ILE A 87 -14.95 0.01 -25.42
N TYR A 88 -15.08 -1.18 -24.88
CA TYR A 88 -15.44 -1.36 -23.50
C TYR A 88 -14.30 -2.08 -22.74
N ASN A 89 -13.49 -1.31 -22.04
CA ASN A 89 -12.39 -1.83 -21.23
C ASN A 89 -11.76 -0.72 -20.37
N ASP A 90 -10.61 -1.02 -19.74
CA ASP A 90 -9.85 0.00 -19.00
C ASP A 90 -9.03 0.85 -19.96
N PRO A 91 -8.49 1.97 -19.49
CA PRO A 91 -7.81 2.95 -20.35
C PRO A 91 -6.57 2.45 -21.10
N ILE A 92 -5.84 1.50 -20.55
CA ILE A 92 -4.65 0.97 -21.30
C ILE A 92 -5.08 0.16 -22.51
N VAL A 93 -6.03 -0.76 -22.31
CA VAL A 93 -6.57 -1.59 -23.35
C VAL A 93 -7.23 -0.69 -24.41
N ILE A 94 -8.04 0.27 -23.97
CA ILE A 94 -8.66 1.21 -24.91
C ILE A 94 -7.60 1.91 -25.77
N GLY A 95 -6.52 2.37 -25.13
CA GLY A 95 -5.39 2.96 -25.83
C GLY A 95 -4.77 2.04 -26.87
N ASN A 96 -4.61 0.77 -26.52
CA ASN A 96 -4.06 -0.22 -27.45
C ASN A 96 -4.93 -0.39 -28.70
N TYR A 97 -6.24 -0.43 -28.47
CA TYR A 97 -7.19 -0.57 -29.59
C TYR A 97 -7.15 0.67 -30.47
N LEU A 98 -7.09 1.88 -29.87
CA LEU A 98 -7.03 3.10 -30.69
C LEU A 98 -5.78 3.14 -31.55
N LEU A 99 -4.69 2.56 -31.06
CA LEU A 99 -3.46 2.61 -31.81
C LEU A 99 -3.57 1.59 -32.94
N ALA A 100 -4.17 0.45 -32.61
CA ALA A 100 -4.35 -0.61 -33.60
C ALA A 100 -5.24 -0.17 -34.75
N MET A 101 -6.24 0.67 -34.46
CA MET A 101 -7.11 1.18 -35.53
C MET A 101 -6.66 2.46 -36.23
N GLY A 102 -5.43 2.89 -35.93
CA GLY A 102 -4.84 4.08 -36.54
C GLY A 102 -4.52 3.99 -38.02
N LYS A 103 -4.37 2.79 -38.57
CA LYS A 103 -4.26 2.65 -40.04
C LYS A 103 -5.54 2.08 -40.67
N CYS A 104 -6.67 2.24 -39.96
CA CYS A 104 -7.99 1.79 -40.41
C CYS A 104 -8.51 2.73 -41.53
N SER A 105 -9.15 2.16 -42.56
CA SER A 105 -9.59 2.94 -43.73
C SER A 105 -10.99 3.51 -43.55
N HIS A 106 -11.83 2.80 -42.82
CA HIS A 106 -13.22 3.20 -42.65
C HIS A 106 -13.17 4.33 -41.64
N ARG A 107 -13.87 5.44 -41.92
CA ARG A 107 -14.00 6.50 -40.91
C ARG A 107 -15.11 6.14 -39.91
N THR A 108 -14.78 5.79 -38.70
CA THR A 108 -15.87 5.42 -37.83
C THR A 108 -15.86 6.24 -36.58
N LYS A 109 -17.05 6.45 -36.03
CA LYS A 109 -17.23 7.14 -34.80
C LYS A 109 -17.05 6.18 -33.64
N ILE A 110 -16.18 6.57 -32.70
CA ILE A 110 -15.83 5.71 -31.55
C ILE A 110 -16.48 6.21 -30.28
N VAL A 111 -17.08 5.28 -29.52
CA VAL A 111 -17.60 5.54 -28.18
C VAL A 111 -16.81 4.68 -27.21
N LEU A 112 -16.27 5.32 -26.19
CA LEU A 112 -15.58 4.65 -25.14
C LEU A 112 -16.53 4.33 -24.00
N TYR A 113 -16.47 3.11 -23.51
CA TYR A 113 -17.10 2.79 -22.24
C TYR A 113 -15.93 2.40 -21.33
N VAL A 114 -15.44 3.36 -20.53
CA VAL A 114 -14.22 3.16 -19.74
C VAL A 114 -14.55 2.65 -18.35
N ASP A 115 -13.81 1.63 -17.93
CA ASP A 115 -13.82 1.13 -16.59
C ASP A 115 -12.75 1.94 -15.79
N LEU A 116 -13.22 2.76 -14.86
CA LEU A 116 -12.31 3.51 -13.96
C LEU A 116 -12.56 3.04 -12.56
N VAL A 117 -11.49 2.88 -11.81
CA VAL A 117 -11.48 2.32 -10.48
C VAL A 117 -10.81 3.30 -9.48
N SER A 118 -9.97 4.18 -10.01
CA SER A 118 -9.25 5.15 -9.20
C SER A 118 -9.31 6.56 -9.79
N LYS A 119 -9.22 7.55 -8.90
CA LYS A 119 -8.99 8.94 -9.27
C LYS A 119 -7.58 9.11 -9.72
N ASN A 120 -7.33 10.16 -10.50
CA ASN A 120 -5.98 10.57 -10.84
C ASN A 120 -5.17 9.53 -11.60
N ILE A 121 -5.78 8.83 -12.56
CA ILE A 121 -5.03 7.88 -13.40
C ILE A 121 -3.85 8.55 -14.13
N ARG A 122 -2.87 7.78 -14.52
CA ARG A 122 -1.67 8.34 -15.18
C ARG A 122 -1.97 9.30 -16.36
N GLU A 123 -1.33 10.48 -16.34
CA GLU A 123 -1.50 11.52 -17.38
C GLU A 123 -1.21 11.03 -18.77
N ASN A 124 -0.29 10.07 -18.93
CA ASN A 124 0.04 9.53 -20.26
C ASN A 124 -1.08 8.63 -20.83
N LEU A 125 -2.16 8.42 -20.09
CA LEU A 125 -3.35 7.69 -20.60
C LEU A 125 -4.48 8.64 -20.99
N TRP A 126 -4.35 9.91 -20.65
CA TRP A 126 -5.45 10.88 -20.80
C TRP A 126 -5.84 11.19 -22.26
N TRP A 127 -4.89 11.08 -23.19
CA TRP A 127 -5.13 11.33 -24.61
C TRP A 127 -6.34 10.57 -25.16
N ILE A 128 -6.68 9.41 -24.59
CA ILE A 128 -7.80 8.63 -25.13
C ILE A 128 -9.13 9.38 -25.09
N PHE A 129 -9.33 10.22 -24.07
CA PHE A 129 -10.57 10.97 -23.87
C PHE A 129 -10.78 12.11 -24.88
N SER A 130 -9.73 12.54 -25.59
CA SER A 130 -9.86 13.60 -26.58
C SER A 130 -9.32 13.19 -27.95
N HIS A 131 -9.20 11.89 -28.17
CA HIS A 131 -8.76 11.35 -29.43
C HIS A 131 -9.76 11.73 -30.52
N PRO A 132 -9.27 12.10 -31.75
CA PRO A 132 -10.09 12.71 -32.81
C PRO A 132 -11.29 11.87 -33.29
N LYS A 133 -11.13 10.55 -33.24
CA LYS A 133 -12.18 9.59 -33.61
C LYS A 133 -13.22 9.35 -32.49
N VAL A 134 -12.92 9.77 -31.26
CA VAL A 134 -13.86 9.51 -30.15
C VAL A 134 -14.96 10.56 -30.16
N VAL A 135 -16.20 10.11 -30.09
CA VAL A 135 -17.33 11.02 -30.26
C VAL A 135 -18.24 11.07 -29.02
N GLY A 136 -18.04 10.10 -28.14
CA GLY A 136 -18.70 10.08 -26.84
C GLY A 136 -17.98 9.18 -25.85
N VAL A 137 -18.25 9.38 -24.58
CA VAL A 137 -17.64 8.57 -23.58
C VAL A 137 -18.74 8.15 -22.63
N MET A 138 -18.72 6.88 -22.26
CA MET A 138 -19.63 6.32 -21.30
C MET A 138 -18.88 5.90 -20.06
N ALA A 139 -19.45 6.23 -18.92
CA ALA A 139 -18.79 5.98 -17.65
C ALA A 139 -19.79 5.22 -16.79
N MET A 140 -19.31 4.51 -15.78
CA MET A 140 -20.21 3.64 -15.00
C MET A 140 -20.89 4.28 -13.83
N SER A 141 -20.50 5.51 -13.52
CA SER A 141 -21.02 6.20 -12.37
C SER A 141 -20.74 7.70 -12.45
N LYS A 142 -21.63 8.49 -11.85
CA LYS A 142 -21.55 9.96 -11.70
C LYS A 142 -20.17 10.46 -11.26
N CYS A 143 -19.57 9.81 -10.28
CA CYS A 143 -18.31 10.28 -9.73
C CYS A 143 -17.21 10.33 -10.78
N TRP A 144 -17.29 9.52 -11.85
CA TRP A 144 -16.24 9.49 -12.86
C TRP A 144 -16.31 10.65 -13.86
N ILE A 145 -17.41 11.39 -13.87
CA ILE A 145 -17.64 12.45 -14.86
C ILE A 145 -16.60 13.54 -14.75
N SER A 146 -16.48 14.08 -13.56
CA SER A 146 -15.55 15.16 -13.30
C SER A 146 -14.10 14.75 -13.52
N ASP A 147 -13.74 13.49 -13.27
CA ASP A 147 -12.37 13.01 -13.62
C ASP A 147 -12.20 13.05 -15.13
N ILE A 148 -13.20 12.56 -15.85
CA ILE A 148 -13.10 12.43 -17.26
C ILE A 148 -12.97 13.80 -17.95
N CYS A 149 -13.78 14.76 -17.56
CA CYS A 149 -13.62 16.18 -17.81
C CYS A 149 -12.25 16.70 -17.45
N ASN A 150 -11.79 16.46 -16.23
CA ASN A 150 -10.44 16.91 -15.91
C ASN A 150 -9.37 16.34 -16.83
N TYR A 151 -9.55 15.15 -17.35
CA TYR A 151 -8.56 14.56 -18.24
C TYR A 151 -8.63 15.21 -19.61
N GLY A 152 -9.60 16.12 -19.79
CA GLY A 152 -9.76 16.94 -21.01
C GLY A 152 -10.75 16.45 -22.09
N CYS A 153 -11.72 15.64 -21.69
CA CYS A 153 -12.73 15.15 -22.59
C CYS A 153 -13.66 16.29 -22.99
N LYS A 154 -13.92 16.44 -24.27
CA LYS A 154 -14.80 17.54 -24.68
C LYS A 154 -16.07 17.06 -25.38
N VAL A 155 -16.25 15.75 -25.46
CA VAL A 155 -17.40 15.18 -26.15
C VAL A 155 -18.47 14.75 -25.13
N PRO A 156 -19.69 14.44 -25.59
CA PRO A 156 -20.66 14.08 -24.56
C PRO A 156 -20.23 12.89 -23.70
N ILE A 157 -20.51 12.97 -22.41
CA ILE A 157 -20.31 11.86 -21.48
C ILE A 157 -21.67 11.35 -21.01
N ASN A 158 -21.87 10.04 -21.11
CA ASN A 158 -23.10 9.41 -20.64
C ASN A 158 -22.76 8.39 -19.53
N ILE A 159 -23.62 8.32 -18.52
CA ILE A 159 -23.52 7.33 -17.44
C ILE A 159 -24.32 6.07 -17.79
N VAL A 160 -23.66 4.92 -17.78
CA VAL A 160 -24.27 3.63 -18.10
C VAL A 160 -23.94 2.70 -16.93
N SER A 161 -24.87 2.60 -15.98
CA SER A 161 -24.65 1.72 -14.83
C SER A 161 -24.96 0.25 -15.13
N HIS A 162 -25.06 -0.56 -14.08
CA HIS A 162 -25.27 -1.99 -14.27
C HIS A 162 -26.45 -2.39 -13.43
N PHE A 163 -27.07 -3.52 -13.78
CA PHE A 163 -28.16 -4.02 -12.97
C PHE A 163 -27.71 -5.32 -12.33
N VAL A 164 -28.02 -5.47 -11.07
CA VAL A 164 -27.63 -6.68 -10.38
C VAL A 164 -28.87 -7.49 -10.10
N ASP A 165 -28.88 -8.75 -10.54
CA ASP A 165 -29.89 -9.70 -10.08
C ASP A 165 -29.25 -10.93 -9.49
N THR A 166 -29.40 -11.10 -8.19
CA THR A 166 -29.07 -12.36 -7.61
C THR A 166 -30.41 -12.97 -7.30
N LYS A 167 -30.50 -14.26 -7.53
CA LYS A 167 -31.68 -15.03 -7.18
C LYS A 167 -31.78 -15.18 -5.67
N THR A 168 -33.00 -15.31 -5.17
CA THR A 168 -33.14 -15.60 -3.76
C THR A 168 -33.35 -17.09 -3.59
N ILE A 169 -32.71 -17.66 -2.58
CA ILE A 169 -32.59 -19.12 -2.48
C ILE A 169 -32.82 -19.50 -1.03
N TYR A 170 -33.91 -20.24 -0.81
CA TYR A 170 -34.31 -20.71 0.52
C TYR A 170 -33.38 -21.82 1.02
N ASP A 171 -33.17 -21.78 2.34
CA ASP A 171 -32.16 -22.56 3.07
C ASP A 171 -30.78 -22.61 2.40
N ALA A 172 -30.33 -21.44 1.96
CA ALA A 172 -29.02 -21.31 1.37
C ALA A 172 -27.90 -21.79 2.30
N ARG A 173 -27.96 -21.48 3.60
CA ARG A 173 -26.83 -21.85 4.47
C ARG A 173 -26.58 -23.32 4.57
N LYS A 174 -27.66 -24.11 4.55
CA LYS A 174 -27.57 -25.56 4.47
C LYS A 174 -27.05 -25.97 3.10
N LEU A 175 -27.53 -25.35 2.04
CA LEU A 175 -27.18 -25.81 0.69
C LEU A 175 -25.74 -25.51 0.24
N VAL A 176 -25.09 -24.49 0.81
CA VAL A 176 -23.69 -24.18 0.46
C VAL A 176 -22.66 -24.85 1.33
N GLY A 177 -23.09 -25.58 2.34
CA GLY A 177 -22.15 -26.26 3.20
C GLY A 177 -21.81 -25.54 4.48
N LEU A 178 -22.70 -24.68 4.96
CA LEU A 178 -22.48 -23.91 6.18
C LEU A 178 -23.39 -24.35 7.34
N SER A 179 -23.77 -25.62 7.37
CA SER A 179 -24.75 -26.07 8.36
C SER A 179 -24.17 -26.26 9.77
N GLU A 180 -22.86 -26.28 9.90
CA GLU A 180 -22.21 -26.34 11.21
C GLU A 180 -22.23 -24.99 11.93
N TYR A 181 -22.75 -23.96 11.29
CA TYR A 181 -22.62 -22.59 11.81
C TYR A 181 -23.97 -21.93 11.99
N ASN A 182 -24.95 -22.71 12.41
CA ASN A 182 -26.32 -22.25 12.53
C ASN A 182 -26.54 -21.18 13.60
N ASP A 183 -25.74 -21.23 14.65
CA ASP A 183 -25.83 -20.26 15.73
C ASP A 183 -25.24 -18.91 15.33
N ASP A 184 -24.30 -18.90 14.39
CA ASP A 184 -23.48 -17.71 14.21
C ASP A 184 -24.07 -16.70 13.24
N VAL A 185 -23.74 -15.46 13.50
CA VAL A 185 -23.90 -14.43 12.52
C VAL A 185 -22.67 -14.42 11.62
N LEU A 186 -22.94 -14.49 10.32
CA LEU A 186 -21.90 -14.69 9.32
C LEU A 186 -21.69 -13.43 8.51
N PHE A 187 -20.48 -12.90 8.65
CA PHE A 187 -19.99 -11.78 7.89
C PHE A 187 -19.29 -12.32 6.65
N LEU A 188 -19.53 -11.68 5.50
CA LEU A 188 -19.12 -12.18 4.22
C LEU A 188 -18.47 -11.09 3.42
N ASN A 189 -17.24 -11.33 3.00
CA ASN A 189 -16.63 -10.47 2.01
C ASN A 189 -16.41 -11.37 0.79
N MET A 190 -17.10 -11.08 -0.29
CA MET A 190 -17.01 -11.91 -1.49
C MET A 190 -15.92 -11.46 -2.46
N ASN A 191 -15.21 -10.38 -2.16
CA ASN A 191 -14.17 -9.90 -3.07
C ASN A 191 -12.96 -10.84 -3.28
N ARG A 192 -12.34 -10.78 -4.46
CA ARG A 192 -11.10 -11.54 -4.72
C ARG A 192 -9.96 -10.95 -3.83
N ASN A 193 -8.98 -11.77 -3.49
CA ASN A 193 -7.91 -11.29 -2.61
C ASN A 193 -6.81 -10.53 -3.36
N THR A 194 -7.06 -9.27 -3.69
CA THR A 194 -6.09 -8.38 -4.38
C THR A 194 -5.90 -7.11 -3.57
N ALA A 195 -4.85 -6.37 -3.93
CA ALA A 195 -4.51 -5.13 -3.21
C ALA A 195 -5.63 -4.12 -3.09
N ARG A 196 -6.38 -3.93 -4.18
CA ARG A 196 -7.48 -2.96 -4.15
C ARG A 196 -8.57 -3.34 -3.15
N LYS A 197 -8.78 -4.62 -2.97
CA LYS A 197 -9.86 -5.08 -2.16
C LYS A 197 -9.55 -5.07 -0.67
N ARG A 198 -8.28 -5.03 -0.29
CA ARG A 198 -7.93 -4.74 1.08
C ARG A 198 -8.46 -5.82 2.03
N LEU A 199 -8.29 -7.09 1.69
CA LEU A 199 -8.64 -8.13 2.63
C LEU A 199 -7.74 -8.12 3.87
N ASP A 200 -6.60 -7.44 3.81
CA ASP A 200 -5.77 -7.25 5.00
C ASP A 200 -6.60 -6.53 6.05
N ILE A 201 -7.33 -5.51 5.61
CA ILE A 201 -8.10 -4.72 6.56
C ILE A 201 -9.28 -5.53 7.07
N TYR A 202 -9.91 -6.29 6.19
CA TYR A 202 -11.07 -7.07 6.59
C TYR A 202 -10.71 -8.03 7.71
N VAL A 203 -9.61 -8.73 7.50
CA VAL A 203 -9.15 -9.78 8.42
C VAL A 203 -8.53 -9.17 9.70
N LEU A 204 -7.88 -8.03 9.57
CA LEU A 204 -7.32 -7.33 10.70
C LEU A 204 -8.46 -6.83 11.62
N ALA A 205 -9.54 -6.30 11.02
CA ALA A 205 -10.73 -5.90 11.78
C ALA A 205 -11.49 -7.08 12.38
N ALA A 206 -11.56 -8.19 11.67
CA ALA A 206 -12.14 -9.40 12.25
C ALA A 206 -11.38 -9.81 13.50
N ALA A 207 -10.06 -9.86 13.38
CA ALA A 207 -9.18 -10.27 14.47
C ALA A 207 -9.41 -9.37 15.69
N ARG A 208 -9.41 -8.06 15.46
CA ARG A 208 -9.65 -7.09 16.53
C ARG A 208 -11.01 -7.21 17.15
N PHE A 209 -12.03 -7.42 16.32
CA PHE A 209 -13.39 -7.55 16.82
C PHE A 209 -13.44 -8.73 17.76
N ILE A 210 -12.91 -9.86 17.30
CA ILE A 210 -12.89 -11.10 18.07
C ILE A 210 -12.15 -10.91 19.41
N SER A 211 -11.05 -10.17 19.40
CA SER A 211 -10.27 -10.02 20.63
C SER A 211 -11.08 -9.34 21.70
N LYS A 212 -11.90 -8.38 21.33
CA LYS A 212 -12.64 -7.67 22.33
C LYS A 212 -14.04 -8.25 22.62
N TYR A 213 -14.56 -9.06 21.69
CA TYR A 213 -15.73 -9.90 21.96
C TYR A 213 -15.46 -11.40 21.78
N PRO A 214 -14.65 -11.99 22.68
CA PRO A 214 -14.20 -13.39 22.57
C PRO A 214 -15.34 -14.38 22.41
N ASP A 215 -16.53 -13.98 22.83
CA ASP A 215 -17.65 -14.91 23.04
C ASP A 215 -18.75 -14.76 21.99
N ALA A 216 -18.71 -13.68 21.23
CA ALA A 216 -19.68 -13.47 20.14
C ALA A 216 -19.72 -14.66 19.18
N LYS A 217 -20.92 -15.20 18.97
CA LYS A 217 -21.14 -16.20 17.91
C LYS A 217 -21.05 -15.46 16.58
N VAL A 218 -19.84 -15.37 16.05
CA VAL A 218 -19.58 -14.60 14.85
C VAL A 218 -18.63 -15.35 13.92
N ARG A 219 -18.69 -15.11 12.61
CA ARG A 219 -17.70 -15.71 11.68
C ARG A 219 -17.45 -14.72 10.56
N PHE A 220 -16.21 -14.68 10.07
CA PHE A 220 -15.83 -13.81 8.96
C PHE A 220 -15.36 -14.64 7.78
N LEU A 221 -16.20 -14.79 6.76
CA LEU A 221 -15.81 -15.56 5.57
C LEU A 221 -15.23 -14.60 4.55
N CYS A 222 -14.30 -15.09 3.73
CA CYS A 222 -13.67 -14.36 2.63
C CYS A 222 -13.05 -15.39 1.69
N ASN A 223 -12.44 -14.96 0.60
CA ASN A 223 -11.88 -15.89 -0.37
C ASN A 223 -10.39 -15.70 -0.44
N SER A 224 -9.70 -16.68 -1.04
CA SER A 224 -8.29 -16.56 -1.38
C SER A 224 -7.90 -17.57 -2.48
N HIS A 225 -7.05 -17.14 -3.42
CA HIS A 225 -6.60 -17.98 -4.54
C HIS A 225 -5.19 -18.47 -4.26
N HIS A 226 -4.68 -19.33 -5.14
CA HIS A 226 -3.42 -20.08 -4.93
C HIS A 226 -2.34 -19.27 -4.18
N GLU A 227 -1.81 -18.23 -4.81
CA GLU A 227 -0.82 -17.39 -4.14
C GLU A 227 -1.04 -15.89 -4.43
N SER A 228 -1.78 -15.20 -3.54
CA SER A 228 -1.81 -13.73 -3.51
C SER A 228 -0.78 -13.24 -2.53
N LYS A 229 -0.67 -11.91 -2.45
CA LYS A 229 0.37 -11.32 -1.63
C LYS A 229 -0.08 -11.29 -0.15
N PHE A 230 -1.40 -11.25 0.09
CA PHE A 230 -1.90 -11.37 1.47
C PHE A 230 -2.30 -12.77 1.94
N ASP A 231 -1.55 -13.31 2.90
CA ASP A 231 -1.89 -14.56 3.60
C ASP A 231 -2.77 -14.20 4.80
N LEU A 232 -4.08 -14.39 4.64
CA LEU A 232 -5.05 -13.85 5.59
C LEU A 232 -5.09 -14.51 6.97
N HIS A 233 -4.89 -15.83 7.05
CA HIS A 233 -4.80 -16.45 8.38
C HIS A 233 -3.54 -15.91 9.09
N SER A 234 -2.45 -15.78 8.35
CA SER A 234 -1.23 -15.30 8.96
C SER A 234 -1.41 -13.87 9.47
N ILE A 235 -2.04 -13.00 8.67
CA ILE A 235 -2.29 -11.63 9.09
C ILE A 235 -3.19 -11.60 10.31
N ALA A 236 -4.24 -12.42 10.30
CA ALA A 236 -5.12 -12.55 11.46
C ALA A 236 -4.46 -13.07 12.76
N LEU A 237 -3.66 -14.12 12.63
CA LEU A 237 -2.88 -14.71 13.74
C LEU A 237 -2.10 -13.60 14.47
N ARG A 238 -1.33 -12.86 13.68
CA ARG A 238 -0.43 -11.87 14.26
C ARG A 238 -1.21 -10.83 15.04
N GLU A 239 -2.33 -10.39 14.49
CA GLU A 239 -3.15 -9.41 15.18
C GLU A 239 -3.72 -9.99 16.49
N LEU A 240 -4.12 -11.26 16.45
CA LEU A 240 -4.69 -11.91 17.64
C LEU A 240 -3.70 -11.95 18.79
N VAL A 241 -2.48 -12.42 18.51
CA VAL A 241 -1.40 -12.33 19.50
C VAL A 241 -1.25 -10.90 20.04
N ALA A 242 -1.06 -9.95 19.16
CA ALA A 242 -0.91 -8.56 19.58
C ALA A 242 -2.00 -8.11 20.56
N SER A 243 -3.24 -8.57 20.35
CA SER A 243 -4.32 -8.10 21.20
C SER A 243 -4.16 -8.60 22.64
N GLY A 244 -3.55 -9.78 22.80
CA GLY A 244 -3.26 -10.35 24.12
C GLY A 244 -4.30 -11.36 24.54
N VAL A 245 -5.16 -11.75 23.60
CA VAL A 245 -6.30 -12.63 23.89
C VAL A 245 -5.84 -14.08 23.97
N ASP A 246 -6.44 -14.82 24.91
CA ASP A 246 -6.17 -16.25 25.12
C ASP A 246 -6.81 -17.06 24.01
N ASN A 247 -6.47 -18.34 23.96
CA ASN A 247 -7.05 -19.31 23.02
C ASN A 247 -7.03 -18.82 21.59
N VAL A 248 -5.84 -18.39 21.18
CA VAL A 248 -5.62 -17.78 19.88
C VAL A 248 -6.18 -18.60 18.72
N PHE A 249 -5.92 -19.91 18.74
CA PHE A 249 -6.23 -20.80 17.61
C PHE A 249 -7.70 -21.09 17.37
N THR A 250 -8.50 -21.14 18.43
CA THR A 250 -9.94 -21.34 18.25
C THR A 250 -10.57 -20.05 17.72
N HIS A 251 -9.94 -18.91 18.01
CA HIS A 251 -10.41 -17.62 17.52
C HIS A 251 -10.00 -17.39 16.08
N LEU A 252 -8.80 -17.84 15.72
CA LEU A 252 -8.32 -17.84 14.34
C LEU A 252 -9.34 -18.56 13.45
N ASN A 253 -9.95 -19.61 13.98
CA ASN A 253 -10.92 -20.37 13.22
C ASN A 253 -12.27 -19.72 12.97
N LYS A 254 -12.46 -18.50 13.44
CA LYS A 254 -13.67 -17.79 13.10
C LYS A 254 -13.49 -16.97 11.81
N ILE A 255 -12.25 -16.89 11.33
CA ILE A 255 -11.94 -16.37 10.02
C ILE A 255 -11.85 -17.55 9.05
N MET A 256 -12.83 -17.68 8.15
CA MET A 256 -12.92 -18.89 7.35
C MET A 256 -12.60 -18.50 5.94
N ILE A 257 -11.51 -19.04 5.42
CA ILE A 257 -11.02 -18.63 4.12
C ILE A 257 -11.40 -19.66 3.11
N ASN A 258 -12.31 -19.29 2.22
CA ASN A 258 -12.70 -20.21 1.17
C ASN A 258 -11.67 -20.20 0.04
N ARG A 259 -11.19 -21.36 -0.34
CA ARG A 259 -10.30 -21.46 -1.47
C ARG A 259 -10.92 -22.20 -2.62
N THR A 260 -12.03 -22.90 -2.37
CA THR A 260 -12.70 -23.63 -3.44
C THR A 260 -13.29 -22.63 -4.42
N VAL A 261 -13.39 -23.00 -5.68
CA VAL A 261 -13.92 -22.09 -6.70
C VAL A 261 -15.47 -22.11 -6.76
N LEU A 262 -16.00 -20.97 -7.17
CA LEU A 262 -17.41 -20.57 -7.22
C LEU A 262 -18.31 -21.02 -8.36
N THR A 263 -19.19 -22.01 -8.27
CA THR A 263 -20.23 -22.03 -9.31
C THR A 263 -21.14 -20.82 -9.07
N ASP A 264 -21.80 -20.35 -10.12
CA ASP A 264 -22.61 -19.13 -10.02
C ASP A 264 -23.82 -19.26 -9.12
N GLU A 265 -24.37 -20.46 -9.11
CA GLU A 265 -25.31 -20.87 -8.10
C GLU A 265 -24.69 -20.69 -6.70
N ARG A 266 -23.42 -21.06 -6.51
CA ARG A 266 -22.85 -21.07 -5.16
C ARG A 266 -22.51 -19.64 -4.71
N VAL A 267 -22.03 -18.80 -5.64
CA VAL A 267 -21.83 -17.38 -5.36
C VAL A 267 -23.14 -16.75 -4.90
N ASP A 268 -24.22 -17.03 -5.63
CA ASP A 268 -25.51 -16.52 -5.28
C ASP A 268 -25.97 -17.11 -3.95
N MET A 269 -25.60 -18.37 -3.71
CA MET A 269 -25.92 -19.06 -2.48
C MET A 269 -25.23 -18.42 -1.30
N MET A 270 -23.96 -18.06 -1.47
CA MET A 270 -23.21 -17.37 -0.41
C MET A 270 -23.96 -16.14 0.04
N TYR A 271 -24.35 -15.32 -0.93
CA TYR A 271 -25.09 -14.10 -0.65
C TYR A 271 -26.38 -14.35 0.12
N ASN A 272 -27.15 -15.37 -0.25
CA ASN A 272 -28.36 -15.72 0.50
C ASN A 272 -28.07 -16.26 1.92
N ALA A 273 -26.92 -16.92 2.09
CA ALA A 273 -26.65 -17.65 3.34
C ALA A 273 -26.14 -16.72 4.43
N CYS A 274 -25.54 -15.63 4.03
CA CYS A 274 -24.86 -14.84 5.03
C CYS A 274 -25.72 -13.80 5.70
N ASP A 275 -25.24 -13.28 6.81
CA ASP A 275 -26.01 -12.30 7.54
C ASP A 275 -25.58 -10.87 7.25
N VAL A 276 -24.28 -10.64 7.00
CA VAL A 276 -23.79 -9.32 6.68
C VAL A 276 -22.77 -9.38 5.55
N ILE A 277 -22.98 -8.47 4.58
CA ILE A 277 -22.13 -8.35 3.41
C ILE A 277 -21.17 -7.21 3.61
N VAL A 278 -19.89 -7.48 3.36
CA VAL A 278 -18.83 -6.53 3.62
C VAL A 278 -17.97 -6.30 2.41
N ASN A 279 -17.69 -5.03 2.16
CA ASN A 279 -16.75 -4.60 1.13
C ASN A 279 -15.91 -3.43 1.64
N CYS A 280 -14.62 -3.65 1.87
CA CYS A 280 -13.79 -2.59 2.42
C CYS A 280 -12.72 -2.14 1.41
N SER A 281 -13.01 -2.29 0.14
CA SER A 281 -12.01 -1.94 -0.85
C SER A 281 -11.72 -0.42 -0.99
N SER A 282 -10.64 -0.15 -1.68
CA SER A 282 -9.93 1.10 -1.84
C SER A 282 -10.49 1.87 -3.04
N GLY A 283 -11.06 1.14 -3.98
CA GLY A 283 -11.58 1.72 -5.20
C GLY A 283 -12.62 0.83 -5.81
N GLU A 284 -13.67 1.43 -6.36
CA GLU A 284 -14.76 0.68 -6.95
C GLU A 284 -15.30 1.47 -8.12
N GLY A 285 -15.45 0.80 -9.26
CA GLY A 285 -15.89 1.43 -10.49
C GLY A 285 -17.37 1.70 -10.49
N PHE A 286 -18.14 0.62 -10.44
CA PHE A 286 -19.59 0.68 -10.36
C PHE A 286 -20.13 0.50 -8.94
N GLY A 287 -19.50 -0.34 -8.13
CA GLY A 287 -20.14 -0.78 -6.87
C GLY A 287 -20.66 -2.21 -7.00
N LEU A 288 -19.82 -3.10 -7.53
CA LEU A 288 -20.22 -4.45 -7.83
C LEU A 288 -20.41 -5.36 -6.62
N CYS A 289 -19.32 -5.76 -5.92
CA CYS A 289 -19.37 -6.95 -4.99
C CYS A 289 -20.09 -6.77 -3.61
N SER A 290 -21.28 -6.16 -3.67
CA SER A 290 -22.12 -5.80 -2.52
C SER A 290 -23.57 -5.59 -2.99
N ALA A 291 -23.74 -4.78 -4.04
CA ALA A 291 -25.04 -4.58 -4.70
C ALA A 291 -25.85 -5.90 -4.70
N GLU A 292 -25.10 -6.99 -4.84
CA GLU A 292 -25.68 -8.33 -4.86
C GLU A 292 -26.49 -8.62 -3.63
N GLY A 293 -25.97 -8.26 -2.47
CA GLY A 293 -26.64 -8.59 -1.23
C GLY A 293 -27.87 -7.74 -1.04
N ALA A 294 -27.82 -6.53 -1.58
CA ALA A 294 -28.87 -5.54 -1.38
C ALA A 294 -30.22 -6.07 -1.82
N VAL A 295 -30.26 -6.68 -3.02
CA VAL A 295 -31.55 -7.18 -3.53
C VAL A 295 -32.08 -8.25 -2.61
N LEU A 296 -31.21 -8.87 -1.83
CA LEU A 296 -31.66 -9.91 -0.91
C LEU A 296 -32.08 -9.33 0.44
N GLY A 297 -31.83 -8.05 0.67
CA GLY A 297 -32.19 -7.45 1.97
C GLY A 297 -31.24 -7.91 3.07
N LYS A 298 -29.98 -7.97 2.71
CA LYS A 298 -28.91 -8.17 3.66
C LYS A 298 -28.35 -6.78 4.01
N PRO A 299 -28.03 -6.56 5.30
CA PRO A 299 -27.29 -5.35 5.70
C PRO A 299 -25.89 -5.37 5.10
N LEU A 300 -25.43 -4.19 4.68
CA LEU A 300 -24.17 -3.96 4.00
C LEU A 300 -23.25 -2.99 4.74
N ILE A 301 -21.97 -3.37 4.78
CA ILE A 301 -20.92 -2.50 5.22
C ILE A 301 -20.08 -2.25 3.98
N ILE A 302 -19.95 -0.99 3.58
CA ILE A 302 -19.20 -0.69 2.39
C ILE A 302 -18.32 0.53 2.62
N SER A 303 -17.12 0.51 2.07
CA SER A 303 -16.32 1.71 2.06
C SER A 303 -16.90 2.71 1.06
N ALA A 304 -17.03 3.94 1.51
CA ALA A 304 -17.59 4.98 0.66
C ALA A 304 -16.58 5.45 -0.40
N VAL A 305 -16.30 4.64 -1.41
CA VAL A 305 -15.35 4.99 -2.50
C VAL A 305 -15.98 4.81 -3.90
N GLY A 306 -15.47 5.57 -4.87
CA GLY A 306 -15.91 5.49 -6.28
C GLY A 306 -17.41 5.28 -6.49
N GLY A 307 -17.75 4.36 -7.40
CA GLY A 307 -19.16 4.06 -7.68
C GLY A 307 -19.96 3.54 -6.50
N ALA A 308 -19.30 2.89 -5.55
CA ALA A 308 -20.03 2.33 -4.42
C ALA A 308 -20.72 3.46 -3.62
N ASP A 309 -20.06 4.61 -3.53
CA ASP A 309 -20.63 5.78 -2.85
C ASP A 309 -21.78 6.44 -3.61
N ASP A 310 -21.72 6.46 -4.94
CA ASP A 310 -22.86 6.94 -5.74
C ASP A 310 -24.08 6.02 -5.65
N TYR A 311 -23.85 4.70 -5.61
CA TYR A 311 -24.94 3.73 -5.74
C TYR A 311 -25.85 3.66 -4.50
N PHE A 312 -25.27 3.66 -3.32
CA PHE A 312 -26.01 3.51 -2.06
C PHE A 312 -26.18 4.81 -1.34
N SER A 313 -27.40 5.05 -0.87
CA SER A 313 -27.64 6.11 0.11
C SER A 313 -26.95 5.78 1.44
N GLY A 314 -26.38 6.78 2.09
CA GLY A 314 -25.92 6.69 3.50
C GLY A 314 -26.93 6.15 4.53
N ASP A 315 -28.23 6.27 4.26
CA ASP A 315 -29.23 5.78 5.23
C ASP A 315 -29.67 4.34 5.11
N CYS A 316 -29.46 3.71 3.95
CA CYS A 316 -29.83 2.31 3.77
C CYS A 316 -28.68 1.27 3.95
N VAL A 317 -27.47 1.77 4.15
CA VAL A 317 -26.24 0.97 4.16
C VAL A 317 -25.30 1.59 5.23
N TYR A 318 -24.29 0.86 5.70
CA TYR A 318 -23.30 1.42 6.66
C TYR A 318 -21.99 1.79 5.89
N LYS A 319 -21.81 3.08 5.69
CA LYS A 319 -20.75 3.64 4.88
C LYS A 319 -19.55 3.99 5.72
N ILE A 320 -18.37 3.57 5.33
CA ILE A 320 -17.21 4.04 6.05
C ILE A 320 -16.41 4.87 5.06
N LYS A 321 -16.10 6.09 5.47
CA LYS A 321 -15.27 6.99 4.70
C LYS A 321 -13.81 6.64 4.79
N PRO A 322 -13.10 6.75 3.67
CA PRO A 322 -11.64 6.60 3.69
C PRO A 322 -11.05 7.51 4.75
N SER A 323 -10.06 7.03 5.46
CA SER A 323 -9.32 7.84 6.41
C SER A 323 -7.99 8.25 5.87
N ALA A 324 -7.51 7.66 4.77
CA ALA A 324 -6.24 8.09 4.22
C ALA A 324 -6.13 7.74 2.77
N TRP A 325 -5.23 8.44 2.07
CA TRP A 325 -5.07 8.28 0.65
C TRP A 325 -3.62 7.93 0.30
N ILE A 326 -3.46 7.05 -0.68
CA ILE A 326 -2.13 6.72 -1.17
C ILE A 326 -2.20 6.59 -2.68
N SER A 327 -1.03 6.64 -3.30
CA SER A 327 -0.93 6.38 -4.69
C SER A 327 -0.98 4.89 -4.89
N VAL A 328 -1.62 4.48 -5.98
CA VAL A 328 -1.64 3.09 -6.35
C VAL A 328 -0.91 2.88 -7.71
N ASP A 329 -0.03 3.80 -8.08
CA ASP A 329 0.70 3.68 -9.35
C ASP A 329 1.61 2.46 -9.35
N ASP A 330 1.91 1.94 -8.18
CA ASP A 330 2.81 0.81 -8.05
C ASP A 330 2.11 -0.52 -8.43
N ARG A 331 0.77 -0.58 -8.35
CA ARG A 331 0.02 -1.83 -8.62
C ARG A 331 0.00 -2.16 -10.07
N ASP A 332 0.19 -1.16 -10.91
CA ASP A 332 -0.52 -1.11 -12.17
C ASP A 332 -0.07 -0.09 -13.13
N GLY A 333 -0.23 -0.38 -14.41
CA GLY A 333 -0.06 0.62 -15.44
C GLY A 333 -1.07 1.78 -15.47
N ILE A 334 -2.20 1.65 -14.80
CA ILE A 334 -3.22 2.73 -14.77
C ILE A 334 -2.96 3.74 -13.67
N GLY A 335 -2.89 3.23 -12.45
CA GLY A 335 -2.48 3.98 -11.27
C GLY A 335 -3.58 4.86 -10.78
N GLY A 336 -3.23 5.79 -9.90
CA GLY A 336 -4.18 6.76 -9.40
C GLY A 336 -3.96 6.87 -7.92
N ILE A 337 -4.95 7.33 -7.19
CA ILE A 337 -4.86 7.42 -5.75
C ILE A 337 -6.13 6.75 -5.28
N GLU A 338 -6.02 6.07 -4.15
CA GLU A 338 -7.14 5.34 -3.57
C GLU A 338 -7.28 5.59 -2.10
N GLY A 339 -8.52 5.48 -1.62
CA GLY A 339 -8.84 5.81 -0.24
C GLY A 339 -8.98 4.59 0.66
N ILE A 340 -8.22 4.57 1.75
CA ILE A 340 -8.17 3.46 2.66
C ILE A 340 -8.95 3.73 3.95
N ILE A 341 -9.86 2.82 4.32
CA ILE A 341 -10.57 2.94 5.55
C ILE A 341 -9.68 2.58 6.72
N ASP A 342 -10.04 3.09 7.89
CA ASP A 342 -9.40 2.72 9.15
C ASP A 342 -9.99 1.40 9.70
N VAL A 343 -9.09 0.49 10.09
CA VAL A 343 -9.47 -0.81 10.63
C VAL A 343 -10.50 -0.62 11.74
N ASP A 344 -10.28 0.35 12.60
CA ASP A 344 -11.19 0.54 13.74
C ASP A 344 -12.60 1.02 13.34
N ASP A 345 -12.73 1.76 12.23
CA ASP A 345 -14.06 2.03 11.73
C ASP A 345 -14.78 0.73 11.32
N LEU A 346 -14.04 -0.25 10.80
CA LEU A 346 -14.66 -1.53 10.39
C LEU A 346 -15.03 -2.30 11.62
N VAL A 347 -14.18 -2.29 12.64
CA VAL A 347 -14.55 -2.95 13.91
C VAL A 347 -15.89 -2.40 14.44
N GLU A 348 -16.04 -1.08 14.41
CA GLU A 348 -17.28 -0.42 14.86
C GLU A 348 -18.46 -0.85 13.98
N ALA A 349 -18.23 -0.98 12.68
CA ALA A 349 -19.26 -1.46 11.75
C ALA A 349 -19.68 -2.89 12.08
N PHE A 350 -18.72 -3.76 12.38
CA PHE A 350 -19.06 -5.12 12.80
C PHE A 350 -19.93 -5.12 14.05
N THR A 351 -19.60 -4.23 15.00
CA THR A 351 -20.29 -4.29 16.27
C THR A 351 -21.70 -3.74 16.14
N PHE A 352 -21.87 -2.69 15.36
CA PHE A 352 -23.18 -2.27 14.93
C PHE A 352 -24.09 -3.43 14.46
N PHE A 353 -23.58 -4.33 13.63
CA PHE A 353 -24.38 -5.39 13.00
C PHE A 353 -24.31 -6.74 13.71
N LYS A 354 -23.69 -6.79 14.88
CA LYS A 354 -23.88 -7.94 15.75
C LYS A 354 -25.28 -7.86 16.37
N ASP A 355 -25.85 -6.64 16.40
CA ASP A 355 -27.25 -6.42 16.84
C ASP A 355 -28.19 -6.92 15.73
N GLU A 356 -28.97 -7.92 16.05
CA GLU A 356 -29.89 -8.46 15.09
C GLU A 356 -30.92 -7.41 14.65
N LYS A 357 -31.35 -6.54 15.56
CA LYS A 357 -32.28 -5.49 15.16
C LYS A 357 -31.72 -4.53 14.11
N ASN A 358 -30.42 -4.23 14.15
CA ASN A 358 -29.87 -3.38 13.12
C ASN A 358 -29.83 -4.06 11.74
N ARG A 359 -29.54 -5.36 11.73
CA ARG A 359 -29.47 -6.16 10.49
C ARG A 359 -30.85 -6.17 9.84
N LYS A 360 -31.88 -6.46 10.63
CA LYS A 360 -33.25 -6.43 10.14
C LYS A 360 -33.65 -5.07 9.52
N GLU A 361 -33.40 -3.98 10.26
CA GLU A 361 -33.74 -2.65 9.78
C GLU A 361 -32.94 -2.28 8.51
N TYR A 362 -31.64 -2.49 8.53
CA TYR A 362 -30.82 -2.15 7.35
C TYR A 362 -30.99 -3.08 6.16
N GLY A 363 -31.26 -4.35 6.40
CA GLY A 363 -31.61 -5.26 5.32
C GLY A 363 -32.87 -4.80 4.59
N LYS A 364 -33.89 -4.46 5.37
CA LYS A 364 -35.13 -3.91 4.84
C LYS A 364 -34.94 -2.59 4.07
N ARG A 365 -34.15 -1.67 4.62
CA ARG A 365 -33.88 -0.42 3.91
C ARG A 365 -33.14 -0.63 2.58
N VAL A 366 -32.01 -1.34 2.54
CA VAL A 366 -31.37 -1.52 1.21
C VAL A 366 -32.32 -2.13 0.20
N GLN A 367 -33.13 -3.11 0.62
CA GLN A 367 -34.00 -3.84 -0.30
C GLN A 367 -35.03 -2.88 -0.88
N ASP A 368 -35.67 -2.10 -0.03
CA ASP A 368 -36.57 -1.05 -0.50
C ASP A 368 -35.91 -0.05 -1.46
N PHE A 369 -34.72 0.43 -1.11
CA PHE A 369 -34.05 1.49 -1.85
C PHE A 369 -33.65 1.09 -3.28
N VAL A 370 -33.14 -0.12 -3.39
CA VAL A 370 -32.67 -0.70 -4.61
C VAL A 370 -33.80 -1.13 -5.56
N LYS A 371 -35.03 -1.24 -5.03
CA LYS A 371 -36.25 -1.49 -5.83
C LYS A 371 -36.37 -0.60 -7.07
N THR A 372 -35.95 0.65 -6.97
CA THR A 372 -36.14 1.55 -8.09
C THR A 372 -34.89 1.76 -8.96
N LYS A 373 -33.83 0.97 -8.77
CA LYS A 373 -32.65 1.10 -9.64
C LYS A 373 -32.96 0.74 -11.09
N PRO A 374 -32.28 1.41 -12.04
CA PRO A 374 -32.50 1.08 -13.45
C PRO A 374 -32.28 -0.39 -13.78
N THR A 375 -33.09 -0.85 -14.70
CA THR A 375 -33.11 -2.22 -15.15
C THR A 375 -32.22 -2.36 -16.42
N TRP A 376 -31.84 -3.59 -16.77
CA TRP A 376 -31.02 -3.79 -17.97
C TRP A 376 -31.76 -3.22 -19.16
N ASP A 377 -33.08 -3.40 -19.20
CA ASP A 377 -33.91 -2.72 -20.19
C ASP A 377 -33.78 -1.20 -20.22
N ASP A 378 -33.81 -0.54 -19.06
CA ASP A 378 -33.66 0.92 -19.00
C ASP A 378 -32.27 1.33 -19.43
N ILE A 379 -31.27 0.60 -18.95
CA ILE A 379 -29.88 0.88 -19.24
C ILE A 379 -29.61 0.78 -20.75
N SER A 380 -30.00 -0.34 -21.33
CA SER A 380 -29.75 -0.59 -22.72
C SER A 380 -30.50 0.39 -23.62
N SER A 381 -31.71 0.73 -23.19
CA SER A 381 -32.48 1.70 -23.92
C SER A 381 -31.80 3.05 -23.86
N ASP A 382 -31.22 3.38 -22.72
CA ASP A 382 -30.52 4.64 -22.61
C ASP A 382 -29.19 4.64 -23.40
N ILE A 383 -28.60 3.45 -23.56
CA ILE A 383 -27.44 3.31 -24.44
C ILE A 383 -27.83 3.63 -25.89
N ILE A 384 -28.91 3.04 -26.37
CA ILE A 384 -29.34 3.34 -27.75
C ILE A 384 -29.74 4.81 -27.95
N ASP A 385 -30.36 5.43 -26.94
CA ASP A 385 -30.64 6.87 -27.02
C ASP A 385 -29.36 7.68 -27.19
N PHE A 386 -28.35 7.41 -26.37
CA PHE A 386 -27.04 8.06 -26.50
C PHE A 386 -26.47 7.86 -27.91
N PHE A 387 -26.48 6.64 -28.43
CA PHE A 387 -25.96 6.42 -29.79
C PHE A 387 -26.74 7.18 -30.84
N ASN A 388 -28.06 7.15 -30.75
CA ASN A 388 -28.88 7.91 -31.69
C ASN A 388 -28.51 9.37 -31.71
N SER A 389 -28.34 9.96 -30.51
CA SER A 389 -28.08 11.38 -30.41
C SER A 389 -26.71 11.75 -30.99
N LEU A 390 -25.77 10.80 -30.97
CA LEU A 390 -24.46 11.01 -31.55
C LEU A 390 -24.46 10.89 -33.06
N LEU A 391 -25.39 10.13 -33.62
CA LEU A 391 -25.48 9.91 -35.06
C LEU A 391 -26.17 11.04 -35.84
N ARG A 392 -26.71 12.02 -35.12
CA ARG A 392 -27.47 13.19 -35.65
C ARG A 392 -28.58 13.46 -34.64
N MET B 1 35.90 -8.88 29.40
CA MET B 1 35.29 -9.97 28.56
C MET B 1 35.65 -9.85 27.07
N LYS B 2 35.35 -10.91 26.33
CA LYS B 2 35.59 -11.00 24.88
C LYS B 2 34.25 -10.95 24.18
N LEU B 3 34.08 -9.96 23.31
CA LEU B 3 32.78 -9.70 22.68
C LEU B 3 32.95 -9.70 21.16
N ILE B 4 32.19 -10.56 20.49
CA ILE B 4 32.13 -10.51 19.03
C ILE B 4 30.86 -9.77 18.62
N ILE B 5 31.00 -8.74 17.78
CA ILE B 5 29.83 -8.09 17.19
C ILE B 5 29.72 -8.45 15.71
N VAL B 6 28.58 -9.05 15.38
CA VAL B 6 28.22 -9.32 13.99
C VAL B 6 27.36 -8.18 13.47
N GLY B 7 27.95 -7.34 12.63
CA GLY B 7 27.25 -6.17 12.08
C GLY B 7 28.07 -5.49 10.99
N ALA B 8 27.59 -4.31 10.59
CA ALA B 8 28.18 -3.55 9.49
C ALA B 8 29.65 -3.15 9.69
N HIS B 9 30.43 -3.38 8.65
CA HIS B 9 31.83 -2.98 8.58
C HIS B 9 31.95 -1.45 8.69
N SER B 10 33.09 -0.96 9.20
CA SER B 10 33.33 0.48 9.41
C SER B 10 33.31 1.32 8.14
N SER B 11 33.59 0.68 7.00
CA SER B 11 33.63 1.35 5.69
C SER B 11 32.22 1.60 5.13
N VAL B 12 31.23 0.92 5.69
CA VAL B 12 29.83 0.97 5.20
C VAL B 12 29.13 2.32 5.49
N PRO B 13 28.76 3.07 4.43
CA PRO B 13 28.05 4.36 4.62
C PRO B 13 26.54 4.21 4.81
N SER B 14 26.13 3.42 5.80
CA SER B 14 24.72 3.19 6.08
C SER B 14 24.39 3.48 7.53
N GLY B 15 23.10 3.51 7.85
CA GLY B 15 22.64 3.53 9.23
C GLY B 15 23.42 2.59 10.15
N TYR B 16 23.43 1.29 9.81
CA TYR B 16 24.18 0.31 10.63
C TYR B 16 25.66 0.67 10.77
N GLY B 17 26.31 1.03 9.67
CA GLY B 17 27.72 1.40 9.70
C GLY B 17 28.00 2.52 10.68
N ARG B 18 27.14 3.54 10.64
CA ARG B 18 27.24 4.71 11.50
C ARG B 18 27.16 4.37 13.00
N VAL B 19 26.21 3.52 13.39
CA VAL B 19 26.17 3.09 14.78
C VAL B 19 27.35 2.18 15.16
N MET B 20 27.79 1.33 14.22
CA MET B 20 28.99 0.52 14.44
C MET B 20 30.24 1.37 14.68
N ARG B 21 30.45 2.39 13.85
CA ARG B 21 31.59 3.30 14.03
C ARG B 21 31.55 4.04 15.36
N ALA B 22 30.35 4.26 15.90
CA ALA B 22 30.20 4.96 17.18
C ALA B 22 30.43 4.06 18.42
N ILE B 23 29.87 2.85 18.37
CA ILE B 23 29.74 1.94 19.51
C ILE B 23 31.00 1.08 19.74
N VAL B 24 31.61 0.65 18.64
CA VAL B 24 32.79 -0.22 18.67
C VAL B 24 33.96 0.35 19.48
N PRO B 25 34.46 1.55 19.14
CA PRO B 25 35.61 2.02 19.88
C PRO B 25 35.25 2.41 21.31
N ARG B 26 33.98 2.75 21.55
CA ARG B 26 33.50 3.07 22.90
C ARG B 26 33.45 1.86 23.85
N ILE B 27 33.03 0.70 23.34
CA ILE B 27 33.06 -0.55 24.14
C ILE B 27 34.49 -1.14 24.23
N SER B 28 35.33 -0.83 23.24
CA SER B 28 36.74 -1.28 23.17
C SER B 28 37.61 -0.93 24.37
N LYS B 29 37.31 0.19 25.04
CA LYS B 29 38.08 0.61 26.23
C LYS B 29 37.57 -0.05 27.53
N ALA B 30 36.43 -0.73 27.46
CA ALA B 30 35.93 -1.55 28.56
C ALA B 30 36.30 -3.02 28.34
N HIS B 31 36.09 -3.50 27.11
CA HIS B 31 36.33 -4.92 26.82
C HIS B 31 37.10 -5.17 25.54
N GLU B 32 37.47 -6.42 25.31
CA GLU B 32 38.04 -6.77 24.02
C GLU B 32 36.86 -6.93 23.09
N VAL B 33 36.76 -6.03 22.12
CA VAL B 33 35.74 -6.20 21.06
C VAL B 33 36.34 -6.56 19.70
N ILE B 34 35.81 -7.63 19.13
CA ILE B 34 36.23 -8.08 17.83
C ILE B 34 35.01 -8.11 16.89
N VAL B 35 35.16 -7.49 15.72
CA VAL B 35 34.05 -7.26 14.80
C VAL B 35 34.10 -8.21 13.61
N PHE B 36 33.00 -8.95 13.44
CA PHE B 36 32.75 -9.67 12.21
C PHE B 36 32.01 -8.70 11.30
N GLY B 37 32.79 -7.93 10.55
CA GLY B 37 32.27 -6.82 9.76
C GLY B 37 31.76 -7.20 8.39
N ILE B 38 30.50 -6.91 8.13
CA ILE B 38 29.85 -7.34 6.92
C ILE B 38 29.66 -6.23 5.88
N HIS B 39 29.62 -6.62 4.61
CA HIS B 39 29.35 -5.74 3.46
C HIS B 39 30.39 -4.64 3.21
N ALA B 40 31.65 -4.87 3.54
CA ALA B 40 32.70 -3.83 3.37
C ALA B 40 32.70 -3.10 2.00
N PHE B 41 32.82 -1.78 2.04
CA PHE B 41 32.92 -0.90 0.86
C PHE B 41 34.36 -0.50 0.58
N GLY B 42 35.25 -0.78 1.54
CA GLY B 42 36.64 -0.30 1.48
C GLY B 42 37.40 -0.60 2.76
N ARG B 43 38.43 0.20 3.03
CA ARG B 43 39.32 0.02 4.19
C ARG B 43 38.64 0.15 5.55
N SER B 44 39.13 -0.63 6.51
CA SER B 44 38.70 -0.48 7.90
C SER B 44 39.15 0.85 8.49
N VAL B 45 38.34 1.35 9.42
CA VAL B 45 38.49 2.69 9.98
C VAL B 45 39.25 2.75 11.31
N HIS B 46 39.39 1.60 11.99
CA HIS B 46 40.07 1.56 13.29
C HIS B 46 41.49 1.06 13.16
N ALA B 47 42.41 1.71 13.85
CA ALA B 47 43.79 1.26 13.81
C ALA B 47 44.05 0.05 14.70
N ASN B 48 43.35 -0.04 15.83
CA ASN B 48 43.72 -1.02 16.87
C ASN B 48 42.63 -1.93 17.42
N ILE B 49 41.46 -1.93 16.81
CA ILE B 49 40.48 -2.94 17.17
C ILE B 49 40.44 -3.98 16.03
N GLU B 50 40.34 -5.25 16.39
CA GLU B 50 40.30 -6.31 15.38
C GLU B 50 38.97 -6.32 14.63
N GLU B 51 39.00 -5.91 13.36
CA GLU B 51 37.82 -5.95 12.48
C GLU B 51 38.06 -6.87 11.29
N PHE B 52 37.32 -7.98 11.27
CA PHE B 52 37.40 -8.97 10.22
C PHE B 52 36.49 -8.51 9.08
N ASP B 53 37.02 -8.37 7.88
CA ASP B 53 36.09 -8.01 6.81
C ASP B 53 35.56 -9.22 6.05
N ALA B 54 34.34 -9.57 6.46
CA ALA B 54 33.66 -10.80 6.10
C ALA B 54 33.35 -10.90 4.62
N GLN B 55 33.07 -9.77 3.97
CA GLN B 55 32.74 -9.78 2.55
C GLN B 55 33.89 -10.26 1.65
N THR B 56 35.06 -9.64 1.76
CA THR B 56 36.18 -10.09 0.93
C THR B 56 36.70 -11.48 1.33
N ALA B 57 36.56 -11.85 2.60
CA ALA B 57 36.82 -13.23 3.03
C ALA B 57 35.90 -14.23 2.32
N GLU B 58 34.63 -13.84 2.13
CA GLU B 58 33.67 -14.63 1.36
C GLU B 58 34.02 -14.71 -0.14
N HIS B 59 34.54 -13.63 -0.70
CA HIS B 59 35.01 -13.63 -2.11
C HIS B 59 36.23 -14.50 -2.29
N VAL B 60 37.16 -14.42 -1.34
CA VAL B 60 38.37 -15.26 -1.30
C VAL B 60 38.00 -16.75 -1.34
N ARG B 61 36.92 -17.09 -0.65
CA ARG B 61 36.41 -18.46 -0.61
C ARG B 61 35.53 -18.79 -1.83
N GLY B 62 35.25 -17.79 -2.67
CA GLY B 62 34.49 -18.00 -3.91
C GLY B 62 33.00 -18.16 -3.72
N LEU B 63 32.51 -17.73 -2.56
CA LEU B 63 31.08 -17.81 -2.22
C LEU B 63 30.40 -16.48 -2.53
N ASN B 64 29.09 -16.51 -2.74
CA ASN B 64 28.32 -15.26 -2.74
C ASN B 64 27.08 -15.34 -1.88
N GLU B 65 27.20 -14.71 -0.73
CA GLU B 65 26.20 -14.70 0.31
C GLU B 65 25.89 -13.23 0.63
N GLN B 66 25.95 -12.41 -0.42
CA GLN B 66 25.61 -10.99 -0.36
C GLN B 66 26.44 -10.22 0.67
N GLY B 67 27.66 -10.69 0.94
CA GLY B 67 28.55 -10.03 1.89
C GLY B 67 28.27 -10.31 3.37
N PHE B 68 27.33 -11.22 3.65
CA PHE B 68 27.02 -11.64 5.03
C PHE B 68 28.00 -12.71 5.57
N TYR B 69 28.56 -13.50 4.67
CA TYR B 69 29.52 -14.59 5.03
C TYR B 69 28.97 -15.51 6.13
N TYR B 70 27.71 -15.91 5.97
CA TYR B 70 27.05 -16.90 6.85
C TYR B 70 27.89 -18.17 7.06
N SER B 71 28.61 -18.61 6.03
CA SER B 71 29.46 -19.81 6.09
C SER B 71 30.72 -19.66 6.93
N GLY B 72 31.12 -18.43 7.20
CA GLY B 72 32.36 -18.20 7.93
C GLY B 72 32.20 -18.01 9.43
N LEU B 73 30.97 -17.69 9.85
CA LEU B 73 30.71 -17.28 11.25
C LEU B 73 30.97 -18.35 12.30
N SER B 74 30.50 -19.58 12.04
CA SER B 74 30.66 -20.68 12.99
C SER B 74 32.13 -20.90 13.36
N GLU B 75 33.00 -20.97 12.34
CA GLU B 75 34.44 -21.14 12.54
C GLU B 75 35.06 -19.93 13.25
N PHE B 76 34.62 -18.74 12.86
CA PHE B 76 35.10 -17.50 13.47
C PHE B 76 34.90 -17.48 14.99
N ILE B 77 33.70 -17.91 15.42
CA ILE B 77 33.36 -18.01 16.84
C ILE B 77 34.12 -19.14 17.54
N ASP B 78 34.17 -20.31 16.89
CA ASP B 78 34.86 -21.49 17.43
C ASP B 78 36.32 -21.20 17.76
N VAL B 79 36.93 -20.29 17.00
CA VAL B 79 38.33 -19.94 17.16
C VAL B 79 38.50 -18.88 18.26
N HIS B 80 37.72 -17.82 18.15
CA HIS B 80 37.83 -16.71 19.08
C HIS B 80 37.31 -16.99 20.49
N LYS B 81 36.34 -17.89 20.59
CA LYS B 81 35.71 -18.27 21.87
C LYS B 81 35.23 -17.05 22.70
N PRO B 82 34.30 -16.25 22.17
CA PRO B 82 33.84 -15.06 22.90
C PRO B 82 32.94 -15.40 24.09
N ASP B 83 32.88 -14.49 25.06
CA ASP B 83 31.94 -14.59 26.17
C ASP B 83 30.53 -14.25 25.65
N ILE B 84 30.46 -13.26 24.76
CA ILE B 84 29.18 -12.84 24.17
C ILE B 84 29.29 -12.60 22.66
N VAL B 85 28.23 -12.99 21.96
CA VAL B 85 28.01 -12.65 20.54
C VAL B 85 26.76 -11.77 20.34
N MET B 86 26.99 -10.52 19.93
CA MET B 86 25.90 -9.62 19.64
C MET B 86 25.69 -9.62 18.15
N ILE B 87 24.45 -9.94 17.75
CA ILE B 87 24.04 -9.90 16.37
C ILE B 87 23.08 -8.73 16.12
N TYR B 88 23.52 -7.84 15.25
CA TYR B 88 22.87 -6.56 15.04
C TYR B 88 22.42 -6.48 13.60
N ASN B 89 21.12 -6.72 13.39
CA ASN B 89 20.49 -6.62 12.08
C ASN B 89 18.97 -6.74 12.20
N ASP B 90 18.32 -6.95 11.07
CA ASP B 90 16.88 -7.24 11.04
C ASP B 90 16.64 -8.74 11.32
N PRO B 91 15.37 -9.12 11.58
CA PRO B 91 15.05 -10.48 12.02
C PRO B 91 15.40 -11.59 11.05
N ILE B 92 15.33 -11.33 9.74
CA ILE B 92 15.67 -12.35 8.75
C ILE B 92 17.15 -12.71 8.81
N VAL B 93 17.98 -11.67 8.75
CA VAL B 93 19.43 -11.83 8.81
C VAL B 93 19.86 -12.49 10.12
N ILE B 94 19.33 -12.00 11.24
CA ILE B 94 19.55 -12.63 12.54
C ILE B 94 19.21 -14.13 12.51
N GLY B 95 18.04 -14.47 11.97
CA GLY B 95 17.64 -15.88 11.77
C GLY B 95 18.69 -16.70 11.02
N ASN B 96 19.18 -16.16 9.90
CA ASN B 96 20.21 -16.83 9.10
C ASN B 96 21.49 -17.09 9.88
N TYR B 97 21.88 -16.10 10.69
CA TYR B 97 23.08 -16.23 11.52
C TYR B 97 22.91 -17.28 12.60
N LEU B 98 21.73 -17.35 13.23
CA LEU B 98 21.46 -18.38 14.24
C LEU B 98 21.46 -19.81 13.68
N LEU B 99 21.06 -19.95 12.42
CA LEU B 99 21.09 -21.25 11.73
C LEU B 99 22.54 -21.64 11.39
N ALA B 100 23.29 -20.66 10.88
CA ALA B 100 24.69 -20.87 10.52
C ALA B 100 25.56 -21.28 11.73
N MET B 101 25.27 -20.74 12.91
CA MET B 101 26.00 -21.12 14.13
C MET B 101 25.38 -22.31 14.91
N GLY B 102 24.43 -22.99 14.28
CA GLY B 102 23.81 -24.21 14.83
C GLY B 102 24.75 -25.40 15.01
N LYS B 103 25.81 -25.46 14.21
CA LYS B 103 26.82 -26.51 14.36
C LYS B 103 28.12 -25.95 14.95
N CYS B 104 27.99 -24.88 15.74
CA CYS B 104 29.11 -24.18 16.39
C CYS B 104 29.55 -24.85 17.70
N SER B 105 30.86 -25.08 17.87
CA SER B 105 31.42 -25.85 19.01
C SER B 105 31.46 -25.12 20.35
N HIS B 106 31.65 -23.82 20.28
CA HIS B 106 31.79 -23.03 21.47
C HIS B 106 30.39 -22.73 21.98
N ARG B 107 30.17 -22.90 23.28
CA ARG B 107 28.90 -22.49 23.87
C ARG B 107 28.93 -21.01 24.19
N THR B 108 28.27 -20.21 23.38
CA THR B 108 28.33 -18.77 23.62
C THR B 108 26.96 -18.18 23.88
N LYS B 109 26.95 -17.15 24.72
CA LYS B 109 25.73 -16.41 25.02
C LYS B 109 25.44 -15.36 23.93
N ILE B 110 24.23 -15.37 23.39
CA ILE B 110 23.91 -14.52 22.26
C ILE B 110 23.01 -13.37 22.69
N VAL B 111 23.36 -12.17 22.27
CA VAL B 111 22.53 -10.98 22.46
C VAL B 111 22.07 -10.51 21.09
N LEU B 112 20.77 -10.31 20.96
CA LEU B 112 20.24 -9.72 19.75
C LEU B 112 20.08 -8.22 19.90
N TYR B 113 20.44 -7.49 18.85
CA TYR B 113 20.09 -6.09 18.70
C TYR B 113 19.28 -6.00 17.39
N VAL B 114 17.95 -6.04 17.55
CA VAL B 114 17.03 -6.17 16.40
C VAL B 114 16.54 -4.83 15.88
N ASP B 115 16.68 -4.66 14.57
CA ASP B 115 16.10 -3.52 13.86
C ASP B 115 14.65 -3.83 13.45
N LEU B 116 13.69 -3.31 14.22
CA LEU B 116 12.26 -3.44 13.92
C LEU B 116 11.67 -2.15 13.40
N VAL B 117 10.82 -2.28 12.40
CA VAL B 117 10.39 -1.14 11.65
C VAL B 117 8.86 -1.15 11.58
N SER B 118 8.28 -2.34 11.75
CA SER B 118 6.83 -2.57 11.73
C SER B 118 6.36 -3.44 12.89
N LYS B 119 5.13 -3.19 13.34
CA LYS B 119 4.39 -4.09 14.25
C LYS B 119 4.04 -5.38 13.53
N ASN B 120 3.73 -6.43 14.29
CA ASN B 120 3.19 -7.67 13.74
C ASN B 120 4.03 -8.30 12.62
N ILE B 121 5.35 -8.40 12.78
CA ILE B 121 6.19 -9.10 11.80
C ILE B 121 5.78 -10.57 11.64
N ARG B 122 6.14 -11.16 10.52
CA ARG B 122 5.77 -12.55 10.26
C ARG B 122 6.07 -13.52 11.41
N GLU B 123 5.13 -14.42 11.67
CA GLU B 123 5.17 -15.32 12.83
C GLU B 123 6.33 -16.28 12.70
N ASN B 124 6.70 -16.60 11.47
CA ASN B 124 7.77 -17.55 11.19
C ASN B 124 9.17 -17.02 11.45
N LEU B 125 9.24 -15.78 11.94
CA LEU B 125 10.50 -15.20 12.35
C LEU B 125 10.58 -15.07 13.85
N TRP B 126 9.49 -15.37 14.55
CA TRP B 126 9.38 -15.09 16.00
C TRP B 126 10.30 -15.94 16.89
N TRP B 127 10.70 -17.10 16.38
CA TRP B 127 11.52 -18.09 17.10
C TRP B 127 12.87 -17.51 17.58
N ILE B 128 13.41 -16.52 16.86
CA ILE B 128 14.73 -15.93 17.21
C ILE B 128 14.75 -15.30 18.62
N PHE B 129 13.61 -14.71 19.01
CA PHE B 129 13.43 -14.12 20.35
C PHE B 129 13.36 -15.12 21.51
N SER B 130 13.13 -16.39 21.21
CA SER B 130 13.15 -17.43 22.25
C SER B 130 14.16 -18.57 21.99
N HIS B 131 15.07 -18.35 21.04
CA HIS B 131 16.16 -19.29 20.74
C HIS B 131 17.01 -19.58 22.00
N PRO B 132 17.32 -20.88 22.28
CA PRO B 132 17.97 -21.32 23.53
C PRO B 132 19.28 -20.58 23.84
N LYS B 133 20.01 -20.19 22.80
CA LYS B 133 21.31 -19.52 22.94
C LYS B 133 21.17 -18.03 23.22
N VAL B 134 20.01 -17.45 22.95
CA VAL B 134 19.82 -16.02 23.17
C VAL B 134 19.53 -15.69 24.64
N VAL B 135 20.31 -14.75 25.18
CA VAL B 135 20.31 -14.47 26.62
C VAL B 135 19.84 -13.03 26.95
N GLY B 136 19.85 -12.18 25.94
CA GLY B 136 19.29 -10.84 26.08
C GLY B 136 18.91 -10.31 24.73
N VAL B 137 17.98 -9.36 24.72
CA VAL B 137 17.55 -8.73 23.48
C VAL B 137 17.67 -7.23 23.66
N MET B 138 18.17 -6.57 22.63
CA MET B 138 18.27 -5.11 22.61
C MET B 138 17.45 -4.52 21.49
N ALA B 139 16.61 -3.56 21.86
CA ALA B 139 15.72 -2.92 20.92
C ALA B 139 16.09 -1.46 20.88
N MET B 140 15.64 -0.76 19.84
CA MET B 140 16.07 0.62 19.62
C MET B 140 15.11 1.63 20.21
N SER B 141 14.00 1.14 20.72
CA SER B 141 12.98 2.00 21.28
C SER B 141 12.02 1.21 22.19
N LYS B 142 11.52 1.93 23.18
CA LYS B 142 10.48 1.50 24.11
C LYS B 142 9.31 0.78 23.43
N CYS B 143 8.81 1.36 22.33
CA CYS B 143 7.62 0.84 21.65
C CYS B 143 7.79 -0.61 21.19
N TRP B 144 9.04 -1.05 20.98
CA TRP B 144 9.31 -2.38 20.45
C TRP B 144 9.29 -3.44 21.54
N ILE B 145 9.33 -2.99 22.81
CA ILE B 145 9.36 -3.92 23.94
C ILE B 145 8.15 -4.86 23.93
N SER B 146 6.96 -4.28 23.86
CA SER B 146 5.73 -5.06 23.95
C SER B 146 5.53 -6.02 22.76
N ASP B 147 6.02 -5.64 21.56
CA ASP B 147 6.04 -6.55 20.40
C ASP B 147 6.96 -7.74 20.68
N ILE B 148 8.16 -7.44 21.16
CA ILE B 148 9.17 -8.47 21.40
C ILE B 148 8.70 -9.49 22.46
N CYS B 149 8.02 -8.99 23.50
CA CYS B 149 7.33 -9.82 24.51
C CYS B 149 6.19 -10.61 23.88
N ASN B 150 5.38 -9.95 23.06
CA ASN B 150 4.35 -10.67 22.32
C ASN B 150 4.91 -11.78 21.45
N TYR B 151 6.09 -11.58 20.85
CA TYR B 151 6.76 -12.62 20.07
C TYR B 151 7.34 -13.75 20.94
N GLY B 152 7.23 -13.62 22.26
CA GLY B 152 7.52 -14.71 23.18
C GLY B 152 8.91 -14.68 23.81
N CYS B 153 9.52 -13.51 23.82
CA CYS B 153 10.83 -13.31 24.42
C CYS B 153 10.72 -13.38 25.95
N LYS B 154 11.53 -14.22 26.57
CA LYS B 154 11.42 -14.34 28.02
C LYS B 154 12.74 -13.97 28.72
N VAL B 155 13.69 -13.44 27.95
CA VAL B 155 14.98 -13.00 28.49
C VAL B 155 14.98 -11.46 28.62
N PRO B 156 15.92 -10.89 29.42
CA PRO B 156 15.93 -9.43 29.55
C PRO B 156 15.99 -8.64 28.23
N ILE B 157 15.19 -7.59 28.15
CA ILE B 157 15.19 -6.71 27.01
C ILE B 157 15.74 -5.35 27.40
N ASN B 158 16.73 -4.88 26.66
CA ASN B 158 17.34 -3.57 26.93
C ASN B 158 17.16 -2.61 25.74
N ILE B 159 16.83 -1.36 26.05
CA ILE B 159 16.65 -0.34 25.02
C ILE B 159 18.01 0.32 24.77
N VAL B 160 18.46 0.26 23.52
CA VAL B 160 19.70 0.88 23.08
C VAL B 160 19.43 1.87 21.95
N SER B 161 19.22 3.15 22.27
CA SER B 161 18.92 4.11 21.22
C SER B 161 20.19 4.55 20.46
N HIS B 162 20.08 5.66 19.73
CA HIS B 162 21.20 6.16 18.94
C HIS B 162 21.38 7.62 19.29
N PHE B 163 22.53 8.19 18.93
CA PHE B 163 22.76 9.60 19.13
C PHE B 163 22.98 10.24 17.79
N VAL B 164 22.37 11.38 17.62
CA VAL B 164 22.49 12.04 16.35
C VAL B 164 23.35 13.27 16.48
N ASP B 165 24.25 13.40 15.51
CA ASP B 165 25.03 14.60 15.33
C ASP B 165 25.08 15.03 13.84
N THR B 166 24.80 16.30 13.59
CA THR B 166 25.02 16.89 12.26
C THR B 166 25.86 18.17 12.37
N LYS B 167 26.84 18.27 11.49
CA LYS B 167 27.74 19.40 11.44
C LYS B 167 26.93 20.66 11.13
N THR B 168 27.19 21.72 11.87
CA THR B 168 26.42 22.93 11.64
C THR B 168 27.17 23.85 10.65
N ILE B 169 26.62 23.99 9.45
CA ILE B 169 27.25 24.72 8.34
C ILE B 169 26.51 26.03 8.02
N TYR B 170 27.26 27.12 8.12
CA TYR B 170 26.80 28.48 7.90
C TYR B 170 26.76 28.77 6.37
N ASP B 171 25.80 29.59 5.95
CA ASP B 171 25.70 30.02 4.55
C ASP B 171 25.37 28.85 3.62
N ALA B 172 24.63 27.88 4.17
CA ALA B 172 24.37 26.62 3.50
C ALA B 172 23.49 26.68 2.24
N ARG B 173 22.53 27.59 2.19
CA ARG B 173 21.67 27.69 1.00
C ARG B 173 22.53 28.00 -0.23
N LYS B 174 23.53 28.85 -0.06
CA LYS B 174 24.39 29.22 -1.17
C LYS B 174 25.22 28.02 -1.58
N LEU B 175 25.81 27.36 -0.59
CA LEU B 175 26.75 26.27 -0.82
C LEU B 175 26.16 25.02 -1.48
N VAL B 176 24.86 24.77 -1.33
CA VAL B 176 24.19 23.71 -2.08
C VAL B 176 23.60 24.19 -3.40
N GLY B 177 23.88 25.45 -3.77
CA GLY B 177 23.37 26.04 -5.01
C GLY B 177 21.88 26.37 -5.03
N LEU B 178 21.33 26.81 -3.90
CA LEU B 178 19.90 27.12 -3.81
C LEU B 178 19.63 28.62 -3.60
N SER B 179 20.48 29.45 -4.20
CA SER B 179 20.44 30.88 -3.96
C SER B 179 19.27 31.61 -4.65
N GLU B 180 18.72 31.04 -5.74
CA GLU B 180 17.44 31.55 -6.28
C GLU B 180 16.39 31.61 -5.18
N TYR B 181 16.40 30.61 -4.32
CA TYR B 181 15.32 30.34 -3.38
C TYR B 181 15.53 30.98 -2.02
N ASN B 182 16.39 31.99 -1.95
CA ASN B 182 16.66 32.74 -0.70
C ASN B 182 15.38 33.20 0.03
N ASP B 183 14.37 33.61 -0.74
CA ASP B 183 13.06 34.03 -0.23
C ASP B 183 12.11 32.87 0.16
N ASP B 184 12.36 31.69 -0.36
CA ASP B 184 11.41 30.61 -0.20
C ASP B 184 11.54 29.90 1.11
N VAL B 185 10.43 29.56 1.74
CA VAL B 185 10.52 28.53 2.78
C VAL B 185 10.62 27.11 2.22
N LEU B 186 11.72 26.45 2.59
CA LEU B 186 12.08 25.14 2.06
C LEU B 186 11.75 24.02 3.04
N PHE B 187 10.83 23.15 2.62
CA PHE B 187 10.51 21.91 3.29
C PHE B 187 11.37 20.87 2.67
N LEU B 188 11.92 19.98 3.51
CA LEU B 188 12.88 19.03 3.07
C LEU B 188 12.42 17.70 3.62
N ASN B 189 12.27 16.74 2.73
CA ASN B 189 12.13 15.35 3.12
C ASN B 189 13.36 14.62 2.58
N MET B 190 14.20 14.12 3.48
CA MET B 190 15.47 13.52 3.11
C MET B 190 15.41 12.03 2.85
N ASN B 191 14.23 11.42 3.01
CA ASN B 191 14.04 9.99 2.82
C ASN B 191 14.23 9.55 1.37
N ARG B 192 14.65 8.31 1.18
CA ARG B 192 14.66 7.67 -0.13
C ARG B 192 13.23 7.46 -0.60
N ASN B 193 13.03 7.42 -1.91
CA ASN B 193 11.74 7.16 -2.52
C ASN B 193 11.42 5.66 -2.54
N THR B 194 10.97 5.14 -1.39
CA THR B 194 10.49 3.75 -1.29
C THR B 194 9.15 3.74 -0.58
N ALA B 195 8.48 2.59 -0.62
CA ALA B 195 7.10 2.49 -0.16
C ALA B 195 6.88 2.91 1.31
N ARG B 196 7.71 2.41 2.19
CA ARG B 196 7.69 2.78 3.61
C ARG B 196 7.72 4.29 3.87
N LYS B 197 8.49 4.98 3.05
CA LYS B 197 8.68 6.43 3.22
C LYS B 197 7.58 7.32 2.65
N ARG B 198 6.68 6.75 1.84
CA ARG B 198 5.47 7.46 1.43
C ARG B 198 5.74 8.83 0.82
N LEU B 199 6.66 8.93 -0.14
CA LEU B 199 6.84 10.20 -0.82
C LEU B 199 5.60 10.61 -1.61
N ASP B 200 4.72 9.63 -1.90
CA ASP B 200 3.45 9.91 -2.60
C ASP B 200 2.63 10.82 -1.75
N ILE B 201 2.59 10.54 -0.44
CA ILE B 201 1.88 11.40 0.47
C ILE B 201 2.50 12.81 0.54
N TYR B 202 3.81 12.86 0.64
CA TYR B 202 4.51 14.09 0.73
C TYR B 202 4.15 15.03 -0.44
N VAL B 203 4.17 14.47 -1.64
CA VAL B 203 4.02 15.25 -2.85
C VAL B 203 2.53 15.53 -3.13
N LEU B 204 1.66 14.62 -2.73
CA LEU B 204 0.23 14.88 -2.75
C LEU B 204 -0.12 16.05 -1.83
N ALA B 205 0.50 16.08 -0.65
CA ALA B 205 0.24 17.10 0.32
C ALA B 205 0.85 18.42 -0.17
N ALA B 206 2.03 18.36 -0.77
CA ALA B 206 2.63 19.53 -1.36
C ALA B 206 1.66 20.10 -2.41
N ALA B 207 1.16 19.23 -3.30
CA ALA B 207 0.27 19.68 -4.39
C ALA B 207 -0.98 20.31 -3.81
N ARG B 208 -1.55 19.71 -2.79
CA ARG B 208 -2.73 20.30 -2.18
C ARG B 208 -2.47 21.60 -1.49
N PHE B 209 -1.43 21.62 -0.68
CA PHE B 209 -1.03 22.87 -0.07
C PHE B 209 -0.85 23.98 -1.12
N ILE B 210 -0.11 23.71 -2.20
CA ILE B 210 0.12 24.74 -3.20
C ILE B 210 -1.17 25.24 -3.87
N SER B 211 -2.11 24.32 -4.12
CA SER B 211 -3.34 24.69 -4.80
C SER B 211 -4.20 25.54 -3.86
N LYS B 212 -4.06 25.33 -2.56
CA LYS B 212 -4.72 26.17 -1.60
C LYS B 212 -3.98 27.53 -1.34
N TYR B 213 -2.66 27.56 -1.46
CA TYR B 213 -1.83 28.78 -1.32
C TYR B 213 -0.90 28.97 -2.53
N PRO B 214 -1.47 29.32 -3.70
CA PRO B 214 -0.68 29.23 -4.94
C PRO B 214 0.40 30.28 -5.04
N ASP B 215 0.34 31.28 -4.17
CA ASP B 215 1.39 32.27 -4.14
C ASP B 215 2.37 32.17 -2.97
N ALA B 216 2.15 31.22 -2.03
CA ALA B 216 3.13 31.06 -0.93
C ALA B 216 4.53 30.80 -1.50
N LYS B 217 5.52 31.44 -0.91
CA LYS B 217 6.89 31.28 -1.34
C LYS B 217 7.43 30.05 -0.65
N VAL B 218 7.33 28.92 -1.33
CA VAL B 218 7.46 27.68 -0.65
C VAL B 218 8.09 26.71 -1.64
N ARG B 219 8.96 25.82 -1.20
CA ARG B 219 9.44 24.74 -2.05
C ARG B 219 9.39 23.46 -1.26
N PHE B 220 9.23 22.33 -1.95
CA PHE B 220 9.21 21.01 -1.35
C PHE B 220 10.28 20.16 -1.98
N LEU B 221 11.35 19.92 -1.22
CA LEU B 221 12.49 19.16 -1.69
C LEU B 221 12.32 17.71 -1.28
N CYS B 222 12.84 16.82 -2.12
CA CYS B 222 12.80 15.38 -1.88
C CYS B 222 13.75 14.66 -2.83
N ASN B 223 13.88 13.36 -2.66
CA ASN B 223 14.78 12.56 -3.47
C ASN B 223 14.06 11.55 -4.37
N SER B 224 14.65 11.21 -5.51
CA SER B 224 14.13 10.07 -6.26
C SER B 224 15.21 9.42 -7.07
N HIS B 225 15.02 8.15 -7.37
CA HIS B 225 15.98 7.39 -8.14
C HIS B 225 15.32 6.99 -9.47
N HIS B 226 16.14 6.56 -10.44
CA HIS B 226 15.67 6.04 -11.73
C HIS B 226 14.64 4.92 -11.52
N GLU B 227 13.52 5.00 -12.25
CA GLU B 227 12.50 3.93 -12.20
C GLU B 227 12.17 3.51 -10.74
N SER B 228 11.92 4.51 -9.88
CA SER B 228 11.27 4.29 -8.59
C SER B 228 9.86 3.92 -8.94
N LYS B 229 9.20 3.17 -8.09
CA LYS B 229 7.78 2.89 -8.36
C LYS B 229 6.89 4.14 -8.41
N PHE B 230 7.20 5.16 -7.59
CA PHE B 230 6.44 6.44 -7.63
C PHE B 230 7.18 7.53 -8.42
N ASP B 231 6.52 8.08 -9.45
CA ASP B 231 7.05 9.20 -10.25
C ASP B 231 6.44 10.43 -9.59
N LEU B 232 7.25 11.20 -8.87
CA LEU B 232 6.75 12.18 -7.92
C LEU B 232 6.09 13.39 -8.59
N HIS B 233 6.74 13.88 -9.64
CA HIS B 233 6.18 14.94 -10.46
C HIS B 233 4.85 14.58 -11.10
N SER B 234 4.75 13.33 -11.55
CA SER B 234 3.54 12.90 -12.20
C SER B 234 2.41 12.78 -11.19
N ILE B 235 2.73 12.30 -9.99
CA ILE B 235 1.72 12.27 -8.91
C ILE B 235 1.17 13.67 -8.57
N ALA B 236 2.10 14.61 -8.36
CA ALA B 236 1.77 15.98 -8.04
C ALA B 236 1.00 16.66 -9.19
N LEU B 237 1.46 16.43 -10.43
CA LEU B 237 0.78 16.96 -11.61
C LEU B 237 -0.71 16.63 -11.58
N ARG B 238 -1.04 15.39 -11.29
CA ARG B 238 -2.42 14.95 -11.40
C ARG B 238 -3.23 15.53 -10.28
N GLU B 239 -2.63 15.70 -9.12
CA GLU B 239 -3.33 16.35 -8.03
C GLU B 239 -3.53 17.85 -8.28
N LEU B 240 -2.56 18.53 -8.87
CA LEU B 240 -2.79 19.93 -9.30
C LEU B 240 -3.87 20.07 -10.39
N VAL B 241 -3.93 19.14 -11.34
CA VAL B 241 -5.00 19.24 -12.38
C VAL B 241 -6.39 19.09 -11.74
N ALA B 242 -6.56 18.14 -10.80
CA ALA B 242 -7.81 17.86 -10.10
C ALA B 242 -8.25 18.99 -9.17
N SER B 243 -7.31 19.81 -8.70
CA SER B 243 -7.66 20.91 -7.80
C SER B 243 -8.23 22.06 -8.66
N GLY B 244 -7.94 22.12 -9.95
CA GLY B 244 -8.49 23.25 -10.73
C GLY B 244 -7.65 24.55 -10.77
N VAL B 245 -6.58 24.62 -9.99
CA VAL B 245 -5.65 25.74 -10.03
C VAL B 245 -5.07 26.05 -11.41
N ASP B 246 -4.86 27.33 -11.69
CA ASP B 246 -4.15 27.81 -12.87
C ASP B 246 -2.62 27.63 -12.74
N ASN B 247 -1.92 27.73 -13.86
CA ASN B 247 -0.46 27.65 -13.90
C ASN B 247 0.06 26.34 -13.29
N VAL B 248 -0.55 25.23 -13.69
CA VAL B 248 -0.21 23.94 -13.12
C VAL B 248 1.30 23.72 -13.16
N PHE B 249 1.88 24.00 -14.32
CA PHE B 249 3.28 23.73 -14.53
C PHE B 249 4.18 24.54 -13.59
N THR B 250 3.83 25.80 -13.34
CA THR B 250 4.70 26.52 -12.43
C THR B 250 4.62 26.04 -11.00
N HIS B 251 3.47 25.52 -10.57
CA HIS B 251 3.33 25.01 -9.21
C HIS B 251 4.04 23.68 -9.02
N LEU B 252 3.97 22.90 -10.07
CA LEU B 252 4.66 21.64 -10.18
C LEU B 252 6.14 21.82 -9.91
N ASN B 253 6.73 22.86 -10.47
CA ASN B 253 8.15 23.04 -10.35
C ASN B 253 8.57 23.47 -8.92
N LYS B 254 7.59 23.72 -8.07
CA LYS B 254 7.85 24.01 -6.66
C LYS B 254 8.23 22.77 -5.86
N ILE B 255 8.03 21.59 -6.46
CA ILE B 255 8.49 20.36 -5.87
C ILE B 255 9.82 20.09 -6.57
N MET B 256 10.90 20.03 -5.80
CA MET B 256 12.22 19.92 -6.39
C MET B 256 12.77 18.56 -6.04
N ILE B 257 13.13 17.82 -7.07
CA ILE B 257 13.58 16.45 -6.89
C ILE B 257 15.07 16.33 -7.18
N ASN B 258 15.80 15.89 -6.16
CA ASN B 258 17.17 15.59 -6.34
C ASN B 258 17.31 14.14 -6.78
N ARG B 259 18.10 13.90 -7.83
CA ARG B 259 18.26 12.55 -8.41
C ARG B 259 19.69 12.06 -8.25
N THR B 260 20.59 12.97 -7.86
CA THR B 260 22.00 12.61 -7.67
C THR B 260 22.20 11.84 -6.35
N VAL B 261 23.27 11.08 -6.26
CA VAL B 261 23.56 10.35 -5.03
C VAL B 261 24.14 11.31 -3.96
N LEU B 262 23.84 11.00 -2.70
CA LEU B 262 24.45 11.65 -1.52
C LEU B 262 25.99 11.69 -1.49
N THR B 263 26.57 12.80 -1.05
CA THR B 263 27.88 12.75 -0.35
C THR B 263 27.55 13.23 1.04
N ASP B 264 28.14 12.60 2.05
CA ASP B 264 27.77 12.90 3.44
C ASP B 264 27.75 14.39 3.81
N GLU B 265 28.54 15.22 3.14
CA GLU B 265 28.47 16.64 3.42
C GLU B 265 27.50 17.46 2.56
N ARG B 266 26.95 16.87 1.49
CA ARG B 266 25.77 17.50 0.84
C ARG B 266 24.56 17.29 1.75
N VAL B 267 24.44 16.08 2.30
CA VAL B 267 23.36 15.74 3.22
C VAL B 267 23.29 16.69 4.43
N ASP B 268 24.44 16.90 5.08
CA ASP B 268 24.55 17.87 6.18
C ASP B 268 24.22 19.29 5.71
N MET B 269 24.72 19.65 4.54
CA MET B 269 24.44 20.93 3.92
C MET B 269 22.91 21.13 3.75
N MET B 270 22.25 20.12 3.22
CA MET B 270 20.80 20.18 2.98
C MET B 270 20.03 20.50 4.25
N TYR B 271 20.39 19.83 5.36
CA TYR B 271 19.70 20.04 6.62
C TYR B 271 19.85 21.48 7.13
N ASN B 272 21.06 22.01 7.02
CA ASN B 272 21.35 23.40 7.37
C ASN B 272 20.63 24.39 6.48
N ALA B 273 20.46 24.05 5.21
CA ALA B 273 19.92 24.95 4.19
C ALA B 273 18.40 25.11 4.30
N CYS B 274 17.71 24.09 4.77
CA CYS B 274 16.27 24.07 4.70
C CYS B 274 15.60 24.67 5.91
N ASP B 275 14.29 24.88 5.84
CA ASP B 275 13.59 25.52 6.95
C ASP B 275 12.73 24.56 7.75
N VAL B 276 12.25 23.48 7.12
CA VAL B 276 11.38 22.51 7.79
C VAL B 276 11.76 21.11 7.36
N ILE B 277 11.99 20.24 8.33
CA ILE B 277 12.26 18.85 8.05
C ILE B 277 10.98 18.02 8.16
N VAL B 278 10.78 17.14 7.20
CA VAL B 278 9.57 16.35 7.12
C VAL B 278 9.90 14.88 6.94
N ASN B 279 9.24 14.05 7.73
CA ASN B 279 9.21 12.60 7.53
C ASN B 279 7.77 12.10 7.70
N CYS B 280 7.16 11.60 6.64
CA CYS B 280 5.79 11.12 6.70
C CYS B 280 5.73 9.62 6.52
N SER B 281 6.77 8.93 6.92
CA SER B 281 6.82 7.50 6.63
C SER B 281 5.82 6.66 7.45
N SER B 282 5.85 5.38 7.14
CA SER B 282 4.89 4.37 7.51
C SER B 282 5.37 3.68 8.78
N GLY B 283 6.69 3.60 8.89
CA GLY B 283 7.31 2.92 9.99
C GLY B 283 8.73 3.39 10.19
N GLU B 284 9.15 3.44 11.45
CA GLU B 284 10.49 3.87 11.82
C GLU B 284 11.02 3.02 12.97
N GLY B 285 12.20 2.47 12.75
CA GLY B 285 12.88 1.74 13.79
C GLY B 285 13.26 2.72 14.85
N PHE B 286 14.27 3.53 14.53
CA PHE B 286 14.78 4.54 15.43
C PHE B 286 14.13 5.90 15.14
N GLY B 287 13.94 6.19 13.85
CA GLY B 287 13.43 7.48 13.43
C GLY B 287 14.65 8.32 13.14
N LEU B 288 15.34 7.93 12.06
CA LEU B 288 16.67 8.44 11.79
C LEU B 288 16.57 9.73 11.01
N CYS B 289 16.19 9.60 9.74
CA CYS B 289 16.26 10.70 8.78
C CYS B 289 15.22 11.79 9.07
N SER B 290 15.53 12.55 10.11
CA SER B 290 14.72 13.63 10.67
C SER B 290 15.42 14.19 11.91
N ALA B 291 15.52 13.37 12.97
CA ALA B 291 16.17 13.77 14.23
C ALA B 291 17.51 14.42 13.90
N GLU B 292 18.00 14.10 12.70
CA GLU B 292 19.24 14.64 12.19
C GLU B 292 19.25 16.17 12.18
N GLY B 293 18.11 16.77 11.85
CA GLY B 293 18.01 18.22 11.78
C GLY B 293 17.52 18.91 13.04
N ALA B 294 17.05 18.12 14.01
CA ALA B 294 16.62 18.67 15.30
C ALA B 294 17.76 19.33 16.04
N VAL B 295 18.98 18.80 15.91
CA VAL B 295 20.14 19.41 16.60
C VAL B 295 20.44 20.79 16.07
N LEU B 296 20.10 21.00 14.80
CA LEU B 296 20.26 22.28 14.12
C LEU B 296 19.19 23.29 14.49
N GLY B 297 18.16 22.84 15.22
CA GLY B 297 17.07 23.72 15.63
C GLY B 297 16.08 23.98 14.50
N LYS B 298 15.90 22.98 13.65
CA LYS B 298 14.93 23.01 12.58
C LYS B 298 13.60 22.45 13.11
N PRO B 299 12.48 23.12 12.81
CA PRO B 299 11.18 22.51 13.12
C PRO B 299 10.96 21.19 12.36
N LEU B 300 10.30 20.21 13.00
CA LEU B 300 10.04 18.90 12.38
C LEU B 300 8.55 18.62 12.28
N ILE B 301 8.17 18.05 11.14
CA ILE B 301 6.88 17.41 10.99
C ILE B 301 7.15 15.93 10.89
N ILE B 302 6.60 15.14 11.80
CA ILE B 302 6.80 13.70 11.74
C ILE B 302 5.54 12.89 11.91
N SER B 303 5.50 11.80 11.17
CA SER B 303 4.51 10.78 11.42
C SER B 303 4.85 10.07 12.73
N ALA B 304 3.89 10.05 13.65
CA ALA B 304 4.06 9.42 14.95
C ALA B 304 3.99 7.90 14.83
N VAL B 305 5.08 7.29 14.35
CA VAL B 305 5.14 5.83 14.16
C VAL B 305 6.39 5.25 14.77
N GLY B 306 6.31 4.01 15.30
CA GLY B 306 7.49 3.34 15.88
C GLY B 306 8.35 4.24 16.76
N GLY B 307 9.67 4.11 16.66
CA GLY B 307 10.61 4.91 17.47
C GLY B 307 10.44 6.41 17.40
N ALA B 308 10.19 6.94 16.20
CA ALA B 308 9.99 8.37 16.05
C ALA B 308 9.01 8.90 17.10
N ASP B 309 7.86 8.24 17.22
CA ASP B 309 6.86 8.57 18.25
C ASP B 309 7.41 8.52 19.70
N ASP B 310 8.28 7.56 20.02
CA ASP B 310 8.91 7.52 21.36
C ASP B 310 9.96 8.56 21.59
N TYR B 311 10.79 8.77 20.57
CA TYR B 311 11.90 9.69 20.67
C TYR B 311 11.48 11.12 21.03
N PHE B 312 10.42 11.60 20.40
CA PHE B 312 9.97 12.94 20.62
C PHE B 312 8.74 13.02 21.52
N SER B 313 8.83 13.91 22.52
CA SER B 313 7.81 14.97 22.63
C SER B 313 7.19 15.32 23.97
N GLY B 314 7.41 16.58 24.32
CA GLY B 314 6.49 17.34 25.18
C GLY B 314 6.05 18.48 24.24
N ASP B 315 5.67 18.08 23.03
CA ASP B 315 5.28 19.04 22.00
C ASP B 315 6.41 19.99 21.54
N CYS B 316 7.53 19.38 21.18
CA CYS B 316 8.66 20.06 20.59
C CYS B 316 8.62 19.90 19.07
N VAL B 317 7.81 18.94 18.62
CA VAL B 317 7.73 18.52 17.23
C VAL B 317 6.28 18.54 16.78
N TYR B 318 6.02 18.58 15.48
CA TYR B 318 4.65 18.47 14.99
C TYR B 318 4.37 17.02 14.58
N LYS B 319 3.56 16.33 15.37
CA LYS B 319 3.36 14.89 15.25
C LYS B 319 2.06 14.67 14.56
N ILE B 320 2.03 13.74 13.60
CA ILE B 320 0.80 13.34 12.95
C ILE B 320 0.65 11.85 13.19
N LYS B 321 -0.50 11.47 13.73
CA LYS B 321 -0.86 10.08 14.01
C LYS B 321 -1.34 9.41 12.75
N PRO B 322 -1.01 8.12 12.58
CA PRO B 322 -1.58 7.37 11.47
C PRO B 322 -3.11 7.41 11.54
N SER B 323 -3.75 7.64 10.41
CA SER B 323 -5.19 7.57 10.31
C SER B 323 -5.67 6.18 9.79
N ALA B 324 -4.78 5.36 9.25
CA ALA B 324 -5.24 4.05 8.85
C ALA B 324 -4.07 3.14 8.84
N TRP B 325 -4.37 1.85 8.80
CA TRP B 325 -3.38 0.80 8.87
C TRP B 325 -3.55 -0.24 7.74
N ILE B 326 -2.42 -0.67 7.21
CA ILE B 326 -2.42 -1.68 6.17
C ILE B 326 -1.38 -2.70 6.46
N SER B 327 -1.49 -3.83 5.77
CA SER B 327 -0.46 -4.84 5.80
C SER B 327 0.62 -4.44 4.81
N VAL B 328 1.83 -4.73 5.23
CA VAL B 328 2.96 -4.42 4.44
C VAL B 328 3.68 -5.73 4.12
N ASP B 329 3.00 -6.84 4.30
CA ASP B 329 3.55 -8.15 3.91
C ASP B 329 4.02 -8.25 2.44
N ASP B 330 3.44 -7.44 1.56
CA ASP B 330 3.79 -7.48 0.12
C ASP B 330 5.13 -6.83 -0.27
N ARG B 331 5.71 -6.04 0.64
CA ARG B 331 6.91 -5.26 0.37
C ARG B 331 8.15 -6.11 0.39
N ASP B 332 8.16 -7.05 1.35
CA ASP B 332 9.36 -7.49 2.05
C ASP B 332 9.15 -8.89 2.55
N GLY B 333 10.24 -9.58 2.87
CA GLY B 333 10.15 -10.84 3.55
C GLY B 333 9.76 -10.68 5.00
N ILE B 334 9.94 -9.49 5.60
CA ILE B 334 9.67 -9.33 7.05
C ILE B 334 8.20 -8.94 7.35
N GLY B 335 7.67 -8.00 6.57
CA GLY B 335 6.28 -7.61 6.62
C GLY B 335 5.81 -7.00 7.93
N GLY B 336 4.49 -6.99 8.11
CA GLY B 336 3.87 -6.45 9.30
C GLY B 336 2.69 -5.60 8.92
N ILE B 337 2.29 -4.73 9.83
CA ILE B 337 1.27 -3.73 9.55
C ILE B 337 1.87 -2.35 9.79
N GLU B 338 1.39 -1.33 9.09
CA GLU B 338 1.96 0.00 9.22
C GLU B 338 0.91 1.07 9.10
N GLY B 339 1.22 2.22 9.67
CA GLY B 339 0.25 3.27 9.82
C GLY B 339 0.51 4.36 8.82
N ILE B 340 -0.56 4.80 8.14
CA ILE B 340 -0.50 5.72 7.03
C ILE B 340 -1.19 7.01 7.50
N ILE B 341 -0.52 8.15 7.36
CA ILE B 341 -1.15 9.40 7.76
C ILE B 341 -2.08 9.92 6.69
N ASP B 342 -3.02 10.76 7.09
CA ASP B 342 -3.92 11.47 6.18
C ASP B 342 -3.17 12.64 5.47
N VAL B 343 -3.16 12.60 4.13
CA VAL B 343 -2.62 13.68 3.34
C VAL B 343 -3.07 15.05 3.91
N ASP B 344 -4.36 15.19 4.23
CA ASP B 344 -4.86 16.49 4.72
C ASP B 344 -4.24 16.91 6.02
N ASP B 345 -3.84 15.97 6.87
CA ASP B 345 -3.11 16.34 8.10
C ASP B 345 -1.72 16.90 7.80
N LEU B 346 -1.06 16.40 6.76
CA LEU B 346 0.22 16.95 6.34
C LEU B 346 0.09 18.37 5.74
N VAL B 347 -0.91 18.57 4.88
CA VAL B 347 -1.27 19.89 4.44
C VAL B 347 -1.40 20.85 5.66
N GLU B 348 -2.21 20.51 6.67
CA GLU B 348 -2.37 21.36 7.87
C GLU B 348 -1.03 21.69 8.54
N ALA B 349 -0.15 20.69 8.56
CA ALA B 349 1.17 20.81 9.14
C ALA B 349 2.04 21.78 8.35
N PHE B 350 2.01 21.68 7.00
CA PHE B 350 2.69 22.63 6.15
C PHE B 350 2.13 24.04 6.43
N THR B 351 0.82 24.18 6.58
CA THR B 351 0.34 25.50 6.83
C THR B 351 0.61 26.05 8.21
N PHE B 352 0.82 25.16 9.18
CA PHE B 352 1.31 25.56 10.48
C PHE B 352 2.73 26.18 10.38
N PHE B 353 3.58 25.60 9.54
CA PHE B 353 4.97 26.01 9.46
C PHE B 353 5.29 26.95 8.30
N LYS B 354 4.29 27.38 7.56
CA LYS B 354 4.46 28.56 6.74
C LYS B 354 4.60 29.86 7.53
N ASP B 355 4.11 29.83 8.77
CA ASP B 355 4.27 30.93 9.72
C ASP B 355 5.67 30.88 10.38
N GLU B 356 6.52 31.86 10.06
CA GLU B 356 7.88 31.81 10.62
C GLU B 356 7.97 31.89 12.17
N LYS B 357 6.95 32.48 12.78
CA LYS B 357 6.83 32.49 14.24
C LYS B 357 6.72 31.05 14.83
N ASN B 358 6.04 30.14 14.13
CA ASN B 358 6.02 28.72 14.53
C ASN B 358 7.30 27.98 14.25
N ARG B 359 7.95 28.27 13.12
CA ARG B 359 9.24 27.65 12.80
C ARG B 359 10.26 27.92 13.89
N LYS B 360 10.34 29.20 14.30
CA LYS B 360 11.21 29.68 15.36
C LYS B 360 10.95 28.96 16.67
N GLU B 361 9.69 28.96 17.11
CA GLU B 361 9.30 28.40 18.40
C GLU B 361 9.57 26.89 18.46
N TYR B 362 9.24 26.19 17.37
CA TYR B 362 9.41 24.76 17.34
C TYR B 362 10.86 24.35 17.19
N GLY B 363 11.60 25.10 16.37
CA GLY B 363 13.02 24.90 16.18
C GLY B 363 13.71 24.99 17.52
N LYS B 364 13.32 25.98 18.29
CA LYS B 364 13.90 26.18 19.61
C LYS B 364 13.56 24.99 20.52
N ARG B 365 12.30 24.56 20.53
CA ARG B 365 11.89 23.48 21.44
C ARG B 365 12.68 22.20 21.22
N VAL B 366 12.83 21.77 19.98
CA VAL B 366 13.50 20.51 19.68
C VAL B 366 14.98 20.60 19.83
N GLN B 367 15.53 21.78 19.59
CA GLN B 367 16.93 21.97 19.86
C GLN B 367 17.16 21.72 21.35
N ASP B 368 16.36 22.35 22.21
CA ASP B 368 16.51 22.19 23.68
C ASP B 368 16.22 20.76 24.05
N PHE B 369 15.10 20.23 23.54
CA PHE B 369 14.71 18.86 23.84
C PHE B 369 15.84 17.86 23.57
N VAL B 370 16.48 17.96 22.40
CA VAL B 370 17.53 17.00 22.03
C VAL B 370 18.88 17.20 22.76
N LYS B 371 19.06 18.34 23.44
CA LYS B 371 20.25 18.53 24.31
C LYS B 371 20.30 17.46 25.41
N THR B 372 19.12 17.05 25.85
CA THR B 372 18.98 16.08 26.94
C THR B 372 19.35 14.66 26.51
N LYS B 373 19.10 14.31 25.25
CA LYS B 373 19.29 12.94 24.75
C LYS B 373 20.68 12.37 25.08
N PRO B 374 20.74 11.08 25.44
CA PRO B 374 22.02 10.49 25.79
C PRO B 374 22.93 10.31 24.57
N THR B 375 24.22 10.57 24.77
CA THR B 375 25.22 10.53 23.70
C THR B 375 25.74 9.11 23.47
N TRP B 376 26.61 8.92 22.47
CA TRP B 376 27.21 7.62 22.23
C TRP B 376 27.92 7.04 23.46
N ASP B 377 28.60 7.89 24.24
CA ASP B 377 29.19 7.46 25.51
C ASP B 377 28.13 6.91 26.49
N ASP B 378 27.01 7.64 26.68
CA ASP B 378 25.98 7.22 27.66
C ASP B 378 25.37 5.89 27.21
N ILE B 379 25.18 5.78 25.89
CA ILE B 379 24.58 4.61 25.26
C ILE B 379 25.50 3.41 25.34
N SER B 380 26.76 3.61 24.94
CA SER B 380 27.73 2.51 24.94
C SER B 380 28.00 1.96 26.33
N SER B 381 28.00 2.85 27.32
CA SER B 381 28.14 2.45 28.72
C SER B 381 26.89 1.68 29.20
N ASP B 382 25.73 2.05 28.65
CA ASP B 382 24.50 1.29 28.89
C ASP B 382 24.68 -0.13 28.33
N ILE B 383 25.18 -0.23 27.09
CA ILE B 383 25.48 -1.52 26.47
C ILE B 383 26.29 -2.43 27.38
N ILE B 384 27.49 -1.98 27.76
CA ILE B 384 28.43 -2.82 28.51
C ILE B 384 27.83 -3.21 29.87
N ASP B 385 27.05 -2.27 30.44
CA ASP B 385 26.41 -2.46 31.73
C ASP B 385 25.37 -3.57 31.66
N PHE B 386 24.63 -3.60 30.55
CA PHE B 386 23.68 -4.65 30.26
C PHE B 386 24.39 -5.99 30.00
N PHE B 387 25.58 -5.92 29.37
CA PHE B 387 26.42 -7.11 29.17
C PHE B 387 27.00 -7.72 30.46
N ASN B 388 27.32 -6.84 31.41
CA ASN B 388 27.91 -7.27 32.70
C ASN B 388 26.91 -7.98 33.61
N SER B 389 25.65 -7.59 33.51
CA SER B 389 24.60 -8.23 34.30
C SER B 389 24.29 -9.62 33.74
N LEU B 390 24.65 -9.84 32.46
CA LEU B 390 24.40 -11.13 31.79
C LEU B 390 25.53 -12.18 31.83
N LEU B 391 26.64 -11.90 32.51
CA LEU B 391 27.69 -12.92 32.71
C LEU B 391 27.87 -13.21 34.20
N ARG B 392 27.69 -12.17 35.01
CA ARG B 392 27.71 -12.23 36.47
C ARG B 392 26.97 -11.00 36.98
#